data_2PU8
#
_entry.id   2PU8
#
_cell.length_a   213.810
_cell.length_b   83.240
_cell.length_c   51.570
_cell.angle_alpha   90.00
_cell.angle_beta   90.00
_cell.angle_gamma   90.00
#
_symmetry.space_group_name_H-M   'P 21 21 2'
#
loop_
_entity.id
_entity.type
_entity.pdbx_description
1 polymer 'Methylthioribose kinase'
2 non-polymer 3-[(3-CHOLAMIDOPROPYL)DIMETHYLAMMONIO]-1-PROPANESULFONATE
3 water water
#
_entity_poly.entity_id   1
_entity_poly.type   'polypeptide(L)'
_entity_poly.pdbx_seq_one_letter_code
;MGVTKTPLYETLNESSAVALAVKLGLFPSKSTLTCQEIGDGNLNYVFHIYDQEHDRALIIKQAVPYAKVVGESWPLTIDR
ARIESSALIRQGEHVPHLVPRVFYSDTEMAVTVMEDLSHLKIARKGLIEGENYPHLSQHIGEFLGKTLFYSSDYALEPKV
KKQLVKQFTNPELCDITERLVFTDPFFDHDTNDFEEELRPFVEKLWNNDSVKIEAAKLKKSFLTSAETLIHGDLHTGSIF
ASEHETKVIDPEFAFYGPIGFDVGQFIANLFLNALSRDGADREPLYEHVNQVWETFEETFSEAWQKDSLDVYANIDGYLT
DTLSHIFEEAIGFAGCELIRRTIGLAHVADLDTIVPFDKRIGRKRLALETGTAFIEKRSEFKTITDVIELFKLLVKE
;
_entity_poly.pdbx_strand_id   A,B
#
loop_
_chem_comp.id
_chem_comp.type
_chem_comp.name
_chem_comp.formula
CPS non-polymer 3-[(3-CHOLAMIDOPROPYL)DIMETHYLAMMONIO]-1-PROPANESULFONATE 'C32 H58 N2 O7 S'
#
# COMPACT_ATOMS: atom_id res chain seq x y z
N PRO A 7 5.76 -11.82 -34.19
CA PRO A 7 5.87 -10.65 -33.32
C PRO A 7 5.94 -9.35 -34.11
N LEU A 8 5.16 -8.36 -33.70
CA LEU A 8 5.07 -7.08 -34.41
C LEU A 8 6.27 -6.15 -34.18
N TYR A 9 6.98 -6.33 -33.06
CA TYR A 9 8.05 -5.39 -32.72
C TYR A 9 9.17 -5.31 -33.77
N GLU A 10 9.43 -4.09 -34.22
CA GLU A 10 10.59 -3.76 -35.01
C GLU A 10 11.14 -2.40 -34.61
N THR A 11 12.46 -2.32 -34.44
CA THR A 11 13.09 -1.06 -34.05
C THR A 11 12.99 -0.06 -35.20
N LEU A 12 12.57 1.16 -34.89
CA LEU A 12 12.40 2.22 -35.88
C LEU A 12 13.73 2.86 -36.29
N ASN A 13 13.71 3.52 -37.45
CA ASN A 13 14.76 4.45 -37.86
C ASN A 13 14.11 5.73 -38.38
N GLU A 14 14.92 6.70 -38.79
CA GLU A 14 14.43 7.99 -39.31
C GLU A 14 13.39 7.85 -40.43
N SER A 15 13.61 6.90 -41.34
CA SER A 15 12.68 6.63 -42.43
C SER A 15 11.39 5.93 -41.95
N SER A 16 11.56 4.86 -41.17
CA SER A 16 10.44 4.13 -40.54
C SER A 16 9.49 5.07 -39.81
N ALA A 17 10.08 6.02 -39.09
CA ALA A 17 9.33 6.94 -38.25
C ALA A 17 8.47 7.90 -39.06
N VAL A 18 9.02 8.43 -40.16
CA VAL A 18 8.25 9.30 -41.05
C VAL A 18 7.13 8.53 -41.77
N ALA A 19 7.39 7.29 -42.15
CA ALA A 19 6.40 6.42 -42.77
C ALA A 19 5.21 6.19 -41.85
N LEU A 20 5.52 6.01 -40.56
CA LEU A 20 4.50 5.78 -39.55
C LEU A 20 3.66 7.04 -39.37
N ALA A 21 4.31 8.17 -39.08
CA ALA A 21 3.62 9.45 -38.90
C ALA A 21 2.62 9.75 -40.02
N LEU A 33 8.66 16.43 -45.34
CA LEU A 33 9.09 16.49 -43.93
C LEU A 33 10.44 15.80 -43.69
N THR A 34 11.07 16.13 -42.55
CA THR A 34 12.40 15.61 -42.20
C THR A 34 12.45 15.11 -40.77
N CYS A 35 13.35 14.17 -40.50
CA CYS A 35 13.41 13.49 -39.22
C CYS A 35 14.83 13.35 -38.68
N GLN A 36 15.00 13.69 -37.40
CA GLN A 36 16.26 13.49 -36.69
C GLN A 36 16.05 12.77 -35.36
N GLU A 37 16.82 11.70 -35.14
CA GLU A 37 16.81 11.01 -33.84
C GLU A 37 17.59 11.86 -32.83
N ILE A 38 16.94 12.20 -31.72
CA ILE A 38 17.52 13.15 -30.75
C ILE A 38 17.52 12.64 -29.30
N GLY A 39 17.41 11.32 -29.13
CA GLY A 39 17.31 10.71 -27.80
C GLY A 39 18.43 11.04 -26.83
N ASP A 40 18.04 11.50 -25.64
CA ASP A 40 18.99 11.92 -24.59
C ASP A 40 19.77 10.73 -24.01
N GLY A 41 19.05 9.77 -23.43
CA GLY A 41 19.69 8.55 -22.92
C GLY A 41 20.07 7.60 -24.03
N ASN A 42 20.17 6.31 -23.69
CA ASN A 42 20.43 5.27 -24.69
C ASN A 42 19.36 4.18 -24.72
N LEU A 43 18.38 4.28 -23.80
CA LEU A 43 17.33 3.27 -23.70
C LEU A 43 16.09 3.58 -24.55
N ASN A 44 15.97 4.82 -25.01
CA ASN A 44 14.84 5.24 -25.84
C ASN A 44 15.28 5.96 -27.11
N TYR A 45 14.60 5.68 -28.21
CA TYR A 45 14.73 6.50 -29.40
C TYR A 45 13.68 7.60 -29.33
N VAL A 46 14.05 8.81 -29.73
CA VAL A 46 13.14 9.94 -29.83
C VAL A 46 13.31 10.54 -31.23
N PHE A 47 12.30 10.34 -32.09
CA PHE A 47 12.34 10.86 -33.46
C PHE A 47 11.54 12.16 -33.55
N HIS A 48 12.26 13.24 -33.83
CA HIS A 48 11.66 14.55 -34.09
C HIS A 48 11.33 14.64 -35.57
N ILE A 49 10.06 14.86 -35.88
CA ILE A 49 9.63 15.01 -37.26
C ILE A 49 9.16 16.45 -37.46
N TYR A 50 9.81 17.14 -38.40
CA TYR A 50 9.53 18.54 -38.69
C TYR A 50 9.04 18.70 -40.10
N ASP A 51 7.89 19.37 -40.25
CA ASP A 51 7.27 19.56 -41.55
C ASP A 51 7.39 21.01 -42.03
N GLN A 52 7.18 21.23 -43.32
CA GLN A 52 7.24 22.58 -43.90
C GLN A 52 6.09 22.92 -44.87
N GLU A 53 4.92 22.31 -44.63
CA GLU A 53 3.66 22.79 -45.21
C GLU A 53 3.15 23.87 -44.25
N HIS A 54 3.04 23.48 -42.98
CA HIS A 54 3.02 24.40 -41.84
C HIS A 54 4.30 24.08 -41.06
N ASP A 55 4.71 24.97 -40.16
CA ASP A 55 5.91 24.71 -39.36
C ASP A 55 5.63 23.70 -38.21
N ARG A 56 4.65 22.82 -38.43
CA ARG A 56 4.24 21.79 -37.46
C ARG A 56 5.31 20.71 -37.18
N ALA A 57 5.19 20.09 -36.01
CA ALA A 57 6.19 19.10 -35.57
C ALA A 57 5.56 18.01 -34.71
N LEU A 58 6.35 16.98 -34.43
CA LEU A 58 5.87 15.76 -33.80
C LEU A 58 7.05 14.97 -33.22
N ILE A 59 6.79 14.25 -32.13
CA ILE A 59 7.76 13.35 -31.53
C ILE A 59 7.23 11.90 -31.60
N ILE A 60 8.07 11.00 -32.13
CA ILE A 60 7.81 9.56 -32.00
C ILE A 60 8.86 8.92 -31.08
N LYS A 61 8.42 8.55 -29.89
CA LYS A 61 9.28 7.86 -28.91
C LYS A 61 9.14 6.36 -29.04
N GLN A 62 10.26 5.65 -28.98
CA GLN A 62 10.25 4.18 -28.95
C GLN A 62 11.26 3.61 -27.96
N ALA A 63 10.81 2.62 -27.20
CA ALA A 63 11.68 1.89 -26.28
C ALA A 63 12.58 0.95 -27.06
N VAL A 64 13.87 0.96 -26.74
CA VAL A 64 14.82 0.02 -27.36
C VAL A 64 15.17 -1.11 -26.36
N PRO A 65 15.07 -2.37 -26.81
CA PRO A 65 15.32 -3.53 -25.96
C PRO A 65 16.81 -3.85 -25.74
N TYR A 66 17.58 -3.93 -26.83
CA TYR A 66 18.77 -4.81 -26.98
C TYR A 66 19.53 -5.12 -25.68
N SER A 73 23.74 0.02 -19.92
CA SER A 73 22.31 0.19 -19.64
C SER A 73 21.79 -0.83 -18.64
N TRP A 74 20.75 -0.43 -17.91
CA TRP A 74 19.96 -1.33 -17.09
C TRP A 74 19.06 -2.14 -18.06
N PRO A 75 19.12 -3.50 -18.01
CA PRO A 75 18.33 -4.30 -18.96
C PRO A 75 16.83 -4.19 -18.62
N LEU A 76 16.03 -3.69 -19.56
CA LEU A 76 14.63 -3.35 -19.30
C LEU A 76 13.70 -3.73 -20.42
N THR A 77 12.53 -4.27 -20.08
CA THR A 77 11.58 -4.61 -21.13
C THR A 77 10.96 -3.35 -21.71
N ILE A 78 10.32 -3.55 -22.85
CA ILE A 78 9.78 -2.44 -23.61
C ILE A 78 8.36 -2.10 -23.16
N ASP A 79 7.88 -2.82 -22.14
CA ASP A 79 6.54 -2.63 -21.55
C ASP A 79 6.35 -1.26 -20.91
N ARG A 80 7.46 -0.67 -20.47
CA ARG A 80 7.49 0.66 -19.90
C ARG A 80 6.84 1.71 -20.83
N ALA A 81 6.90 1.45 -22.13
CA ALA A 81 6.25 2.30 -23.15
C ALA A 81 4.73 2.30 -23.01
N ARG A 82 4.16 1.13 -22.71
CA ARG A 82 2.74 1.02 -22.41
C ARG A 82 2.38 1.81 -21.12
N ILE A 83 3.19 1.65 -20.08
CA ILE A 83 2.99 2.40 -18.81
C ILE A 83 3.04 3.91 -19.07
N GLU A 84 4.08 4.35 -19.79
CA GLU A 84 4.30 5.78 -20.05
C GLU A 84 3.15 6.45 -20.82
N SER A 85 2.73 5.85 -21.93
CA SER A 85 1.63 6.43 -22.70
C SER A 85 0.30 6.45 -21.92
N SER A 86 -0.02 5.33 -21.26
CA SER A 86 -1.18 5.24 -20.38
C SER A 86 -1.17 6.28 -19.26
N ALA A 87 -0.01 6.44 -18.62
CA ALA A 87 0.14 7.42 -17.54
C ALA A 87 -0.07 8.84 -18.06
N LEU A 88 0.54 9.16 -19.21
CA LEU A 88 0.40 10.48 -19.86
C LEU A 88 -1.04 10.79 -20.21
N ILE A 89 -1.77 9.80 -20.74
CA ILE A 89 -3.18 9.94 -21.08
C ILE A 89 -4.02 10.19 -19.83
N ARG A 90 -3.76 9.44 -18.75
CA ARG A 90 -4.45 9.64 -17.48
C ARG A 90 -4.19 11.02 -16.87
N GLN A 91 -2.92 11.43 -16.85
CA GLN A 91 -2.56 12.77 -16.40
C GLN A 91 -3.26 13.86 -17.22
N GLY A 92 -3.30 13.69 -18.54
CA GLY A 92 -3.96 14.63 -19.45
C GLY A 92 -5.46 14.83 -19.26
N GLU A 93 -6.12 13.88 -18.61
CA GLU A 93 -7.53 14.03 -18.29
C GLU A 93 -7.76 15.16 -17.28
N HIS A 94 -6.80 15.37 -16.38
CA HIS A 94 -6.95 16.33 -15.29
C HIS A 94 -6.10 17.58 -15.47
N VAL A 95 -4.88 17.40 -15.99
CA VAL A 95 -3.97 18.52 -16.26
C VAL A 95 -3.44 18.53 -17.72
N PRO A 96 -4.35 18.70 -18.70
CA PRO A 96 -3.89 18.60 -20.10
C PRO A 96 -2.85 19.65 -20.47
N HIS A 97 -2.81 20.77 -19.75
CA HIS A 97 -1.86 21.86 -19.99
C HIS A 97 -0.47 21.64 -19.38
N LEU A 98 -0.31 20.57 -18.62
CA LEU A 98 0.96 20.31 -17.89
C LEU A 98 1.70 19.02 -18.33
N VAL A 99 1.22 18.39 -19.41
CA VAL A 99 1.81 17.16 -19.96
C VAL A 99 1.71 17.21 -21.48
N PRO A 100 2.66 16.57 -22.19
CA PRO A 100 2.50 16.53 -23.65
C PRO A 100 1.25 15.74 -24.06
N ARG A 101 0.63 16.19 -25.16
CA ARG A 101 -0.50 15.50 -25.75
C ARG A 101 -0.01 14.24 -26.43
N VAL A 102 -0.79 13.16 -26.30
CA VAL A 102 -0.47 11.89 -26.92
C VAL A 102 -1.43 11.70 -28.09
N PHE A 103 -0.86 11.45 -29.27
CA PHE A 103 -1.66 11.30 -30.49
C PHE A 103 -1.93 9.84 -30.86
N TYR A 104 -1.03 8.96 -30.43
CA TYR A 104 -1.05 7.56 -30.81
C TYR A 104 -0.06 6.78 -29.95
N SER A 105 -0.44 5.54 -29.61
CA SER A 105 0.45 4.60 -28.92
C SER A 105 0.24 3.16 -29.39
N ASP A 106 1.32 2.39 -29.36
CA ASP A 106 1.31 0.99 -29.77
C ASP A 106 2.17 0.20 -28.79
N THR A 107 1.52 -0.71 -28.05
CA THR A 107 2.19 -1.51 -27.01
C THR A 107 3.29 -2.43 -27.57
N GLU A 108 2.98 -3.18 -28.63
CA GLU A 108 3.94 -4.14 -29.19
C GLU A 108 5.12 -3.48 -29.91
N MET A 109 4.86 -2.35 -30.57
CA MET A 109 5.93 -1.54 -31.15
C MET A 109 6.65 -0.68 -30.11
N ALA A 110 6.07 -0.62 -28.90
CA ALA A 110 6.60 0.16 -27.78
C ALA A 110 6.78 1.63 -28.18
N VAL A 111 5.79 2.14 -28.92
CA VAL A 111 5.83 3.48 -29.51
C VAL A 111 4.79 4.42 -28.86
N THR A 112 5.20 5.65 -28.61
CA THR A 112 4.28 6.71 -28.22
C THR A 112 4.52 7.92 -29.12
N VAL A 113 3.48 8.30 -29.86
CA VAL A 113 3.53 9.51 -30.67
C VAL A 113 2.93 10.65 -29.85
N MET A 114 3.72 11.71 -29.68
CA MET A 114 3.30 12.81 -28.82
C MET A 114 3.73 14.20 -29.29
N GLU A 115 3.17 15.21 -28.63
CA GLU A 115 3.47 16.62 -28.85
C GLU A 115 4.97 16.94 -28.76
N ASP A 116 5.44 17.77 -29.68
CA ASP A 116 6.83 18.25 -29.66
C ASP A 116 6.98 19.39 -28.65
N LEU A 117 7.93 19.24 -27.75
CA LEU A 117 8.24 20.27 -26.77
C LEU A 117 9.69 20.79 -26.86
N SER A 118 10.27 20.71 -28.06
CA SER A 118 11.65 21.14 -28.37
C SER A 118 11.92 22.62 -28.12
N HIS A 119 10.88 23.43 -28.22
CA HIS A 119 10.95 24.88 -27.99
C HIS A 119 11.16 25.20 -26.50
N LEU A 120 10.99 24.20 -25.65
CA LEU A 120 11.21 24.34 -24.20
C LEU A 120 12.59 23.79 -23.82
N LYS A 121 12.95 23.97 -22.56
CA LYS A 121 14.24 23.56 -22.04
C LYS A 121 14.02 22.64 -20.83
N ILE A 122 14.82 21.59 -20.72
CA ILE A 122 14.80 20.74 -19.53
C ILE A 122 15.05 21.64 -18.32
N ALA A 123 14.17 21.55 -17.34
CA ALA A 123 14.22 22.44 -16.17
C ALA A 123 15.54 22.38 -15.40
N ARG A 124 16.10 21.18 -15.21
CA ARG A 124 17.39 21.04 -14.55
C ARG A 124 18.47 21.87 -15.27
N LYS A 125 18.55 21.72 -16.60
CA LYS A 125 19.50 22.45 -17.43
C LYS A 125 19.31 23.96 -17.27
N GLY A 126 18.07 24.43 -17.41
CA GLY A 126 17.78 25.85 -17.27
C GLY A 126 18.11 26.41 -15.90
N LEU A 127 17.83 25.64 -14.84
CA LEU A 127 18.10 26.09 -13.47
C LEU A 127 19.61 26.27 -13.21
N ILE A 128 20.41 25.33 -13.72
CA ILE A 128 21.88 25.37 -13.63
C ILE A 128 22.47 26.57 -14.40
N GLU A 129 21.82 26.91 -15.51
CA GLU A 129 22.14 28.08 -16.31
C GLU A 129 21.71 29.39 -15.61
N GLY A 130 20.91 29.28 -14.56
CA GLY A 130 20.49 30.46 -13.81
C GLY A 130 19.08 30.98 -14.10
N GLU A 131 18.34 30.27 -14.95
CA GLU A 131 16.91 30.54 -15.13
C GLU A 131 16.20 30.31 -13.81
N ASN A 132 15.25 31.19 -13.48
CA ASN A 132 14.50 31.05 -12.21
C ASN A 132 13.09 30.46 -12.36
N TYR A 133 12.57 30.45 -13.60
CA TYR A 133 11.22 29.93 -13.92
C TYR A 133 10.18 30.28 -12.87
N PRO A 134 9.70 31.54 -12.87
CA PRO A 134 8.83 32.02 -11.76
C PRO A 134 7.59 31.17 -11.49
N HIS A 135 7.07 30.48 -12.51
CA HIS A 135 5.83 29.70 -12.37
C HIS A 135 6.05 28.21 -12.18
N LEU A 136 7.30 27.77 -12.13
CA LEU A 136 7.60 26.34 -12.06
C LEU A 136 6.86 25.62 -10.92
N SER A 137 6.89 26.21 -9.73
CA SER A 137 6.32 25.56 -8.55
C SER A 137 4.78 25.61 -8.52
N GLN A 138 4.21 26.73 -8.97
CA GLN A 138 2.76 26.84 -9.16
C GLN A 138 2.26 25.74 -10.09
N HIS A 139 2.96 25.53 -11.20
CA HIS A 139 2.54 24.52 -12.18
C HIS A 139 2.77 23.10 -11.65
N ILE A 140 3.95 22.84 -11.09
CA ILE A 140 4.24 21.51 -10.54
C ILE A 140 3.30 21.19 -9.36
N GLY A 141 3.11 22.15 -8.46
CA GLY A 141 2.16 21.98 -7.36
C GLY A 141 0.77 21.54 -7.85
N GLU A 142 0.26 22.20 -8.88
CA GLU A 142 -1.03 21.85 -9.48
C GLU A 142 -1.01 20.44 -10.10
N PHE A 143 0.00 20.16 -10.92
CA PHE A 143 0.23 18.80 -11.40
C PHE A 143 0.14 17.79 -10.25
N LEU A 144 0.92 18.00 -9.20
CA LEU A 144 1.01 17.11 -8.03
C LEU A 144 -0.34 16.91 -7.34
N GLY A 145 -1.03 18.01 -7.05
CA GLY A 145 -2.30 17.94 -6.31
C GLY A 145 -3.39 17.23 -7.09
N LYS A 146 -3.45 17.49 -8.39
CA LYS A 146 -4.47 16.87 -9.24
C LYS A 146 -4.15 15.42 -9.63
N THR A 147 -2.91 15.14 -10.05
CA THR A 147 -2.58 13.77 -10.44
C THR A 147 -2.72 12.85 -9.25
N LEU A 148 -2.19 13.29 -8.10
CA LEU A 148 -2.17 12.47 -6.91
C LEU A 148 -3.56 12.26 -6.31
N PHE A 149 -4.39 13.29 -6.24
CA PHE A 149 -5.75 13.10 -5.78
C PHE A 149 -6.64 12.22 -6.69
N TYR A 150 -6.61 12.46 -7.99
CA TYR A 150 -7.67 11.90 -8.84
C TYR A 150 -7.49 10.44 -9.23
N SER A 151 -6.37 9.84 -8.82
CA SER A 151 -6.17 8.42 -9.05
C SER A 151 -6.17 7.61 -7.74
N SER A 152 -6.54 8.27 -6.64
CA SER A 152 -6.54 7.66 -5.30
C SER A 152 -7.91 7.08 -4.93
N ASP A 153 -7.99 6.41 -3.77
CA ASP A 153 -9.30 5.94 -3.27
C ASP A 153 -10.22 7.08 -2.85
N TYR A 154 -9.65 8.27 -2.63
CA TYR A 154 -10.44 9.42 -2.21
C TYR A 154 -11.34 9.85 -3.36
N ALA A 155 -10.84 9.72 -4.58
CA ALA A 155 -11.49 10.18 -5.80
C ALA A 155 -12.20 9.07 -6.59
N LEU A 156 -11.74 7.82 -6.45
CA LEU A 156 -12.27 6.71 -7.26
C LEU A 156 -12.99 5.65 -6.43
N GLU A 157 -13.99 5.00 -7.04
CA GLU A 157 -14.60 3.82 -6.42
C GLU A 157 -13.47 2.81 -6.22
N PRO A 158 -13.42 2.16 -5.03
CA PRO A 158 -12.29 1.23 -4.77
C PRO A 158 -12.13 0.10 -5.79
N LYS A 159 -13.23 -0.41 -6.33
CA LYS A 159 -13.21 -1.45 -7.35
C LYS A 159 -12.54 -0.96 -8.65
N VAL A 160 -12.80 0.31 -9.01
CA VAL A 160 -12.14 0.91 -10.18
C VAL A 160 -10.64 1.09 -9.93
N LYS A 161 -10.29 1.60 -8.75
CA LYS A 161 -8.88 1.85 -8.41
C LYS A 161 -8.10 0.54 -8.39
N LYS A 162 -8.71 -0.51 -7.87
CA LYS A 162 -8.06 -1.82 -7.79
C LYS A 162 -7.67 -2.38 -9.17
N GLN A 163 -8.50 -2.11 -10.19
CA GLN A 163 -8.13 -2.51 -11.56
C GLN A 163 -6.98 -1.68 -12.12
N LEU A 164 -6.97 -0.39 -11.80
CA LEU A 164 -5.85 0.50 -12.14
C LEU A 164 -4.51 0.11 -11.49
N VAL A 165 -4.54 -0.41 -10.26
CA VAL A 165 -3.33 -0.93 -9.61
C VAL A 165 -2.74 -2.06 -10.47
N LYS A 166 -3.60 -2.95 -10.98
CA LYS A 166 -3.16 -4.04 -11.84
C LYS A 166 -2.56 -3.49 -13.13
N GLN A 167 -3.29 -2.58 -13.77
CA GLN A 167 -2.89 -2.02 -15.07
C GLN A 167 -1.53 -1.30 -14.97
N PHE A 168 -1.30 -0.61 -13.86
CA PHE A 168 -0.10 0.18 -13.71
C PHE A 168 1.01 -0.48 -12.88
N THR A 169 0.85 -1.77 -12.58
CA THR A 169 1.92 -2.57 -11.95
C THR A 169 3.17 -2.50 -12.85
N ASN A 170 4.28 -2.10 -12.25
CA ASN A 170 5.48 -1.70 -12.96
C ASN A 170 6.70 -2.30 -12.29
N PRO A 171 6.82 -3.65 -12.28
CA PRO A 171 7.83 -4.32 -11.45
C PRO A 171 9.29 -3.96 -11.75
N GLU A 172 9.64 -3.84 -13.03
CA GLU A 172 11.04 -3.58 -13.43
C GLU A 172 11.56 -2.18 -13.10
N LEU A 173 10.74 -1.18 -13.37
CA LEU A 173 11.11 0.20 -13.09
C LEU A 173 11.04 0.45 -11.59
N CYS A 174 10.05 -0.16 -10.91
CA CYS A 174 9.98 -0.10 -9.46
C CYS A 174 11.25 -0.66 -8.81
N ASP A 175 11.71 -1.79 -9.34
CA ASP A 175 12.97 -2.40 -8.88
C ASP A 175 14.18 -1.46 -8.99
N ILE A 176 14.24 -0.66 -10.06
CA ILE A 176 15.30 0.34 -10.19
C ILE A 176 15.26 1.29 -8.98
N THR A 177 14.09 1.81 -8.68
CA THR A 177 13.94 2.77 -7.61
C THR A 177 14.13 2.18 -6.23
N GLU A 178 13.59 0.97 -6.02
CA GLU A 178 13.75 0.25 -4.76
C GLU A 178 15.23 0.04 -4.45
N ARG A 179 16.02 -0.24 -5.47
CA ARG A 179 17.48 -0.39 -5.31
C ARG A 179 18.20 0.94 -5.15
N LEU A 180 17.98 1.85 -6.09
CA LEU A 180 18.77 3.06 -6.21
C LEU A 180 18.35 4.18 -5.23
N VAL A 181 17.07 4.33 -4.99
CA VAL A 181 16.63 5.40 -4.09
C VAL A 181 16.68 4.96 -2.62
N PHE A 182 16.27 3.72 -2.38
CA PHE A 182 15.95 3.24 -1.04
C PHE A 182 16.94 2.26 -0.39
N THR A 183 17.89 1.72 -1.15
CA THR A 183 18.75 0.64 -0.61
C THR A 183 20.26 0.85 -0.78
N ASP A 184 20.70 0.92 -2.03
CA ASP A 184 22.13 0.87 -2.36
C ASP A 184 23.00 1.96 -1.72
N PRO A 185 22.53 3.24 -1.71
CA PRO A 185 23.38 4.27 -1.11
C PRO A 185 23.68 4.02 0.37
N PHE A 186 22.79 3.29 1.02
CA PHE A 186 22.86 3.11 2.47
C PHE A 186 23.72 1.94 2.91
N PHE A 187 24.33 1.23 1.95
CA PHE A 187 25.27 0.12 2.23
C PHE A 187 26.42 0.19 1.23
N ASP A 188 27.47 -0.57 1.48
CA ASP A 188 28.54 -0.67 0.51
C ASP A 188 28.19 -1.57 -0.68
N HIS A 189 27.33 -1.05 -1.56
CA HIS A 189 26.87 -1.79 -2.73
C HIS A 189 27.58 -1.33 -4.00
N ASP A 190 27.71 -2.24 -4.97
CA ASP A 190 28.51 -1.97 -6.17
C ASP A 190 27.94 -0.90 -7.12
N THR A 191 26.66 -0.56 -6.99
CA THR A 191 26.07 0.49 -7.82
C THR A 191 26.45 1.92 -7.40
N ASN A 192 26.96 2.09 -6.18
CA ASN A 192 27.34 3.42 -5.68
C ASN A 192 28.49 4.00 -6.47
N ASP A 193 28.51 5.33 -6.59
CA ASP A 193 29.54 6.03 -7.33
C ASP A 193 29.82 7.35 -6.61
N PHE A 194 30.96 7.42 -5.93
CA PHE A 194 31.31 8.62 -5.18
C PHE A 194 32.83 8.82 -5.13
N GLU A 195 33.23 10.08 -4.96
CA GLU A 195 34.64 10.44 -4.85
C GLU A 195 35.22 9.88 -3.55
N GLU A 196 36.49 9.52 -3.60
CA GLU A 196 37.19 8.97 -2.44
C GLU A 196 37.20 9.96 -1.29
N GLU A 197 37.32 11.26 -1.60
CA GLU A 197 37.25 12.34 -0.60
C GLU A 197 35.96 12.32 0.23
N LEU A 198 34.89 11.79 -0.36
CA LEU A 198 33.60 11.69 0.33
C LEU A 198 33.49 10.48 1.26
N ARG A 199 34.40 9.53 1.10
CA ARG A 199 34.32 8.25 1.83
C ARG A 199 34.08 8.35 3.35
N PRO A 200 34.86 9.18 4.08
CA PRO A 200 34.59 9.32 5.52
C PRO A 200 33.11 9.61 5.87
N PHE A 201 32.45 10.45 5.07
CA PHE A 201 31.08 10.87 5.34
C PHE A 201 30.07 9.80 4.87
N VAL A 202 30.45 9.07 3.83
CA VAL A 202 29.64 7.97 3.30
C VAL A 202 29.59 6.82 4.32
N GLU A 203 30.75 6.48 4.89
CA GLU A 203 30.86 5.45 5.91
C GLU A 203 30.10 5.81 7.19
N LYS A 204 30.04 7.09 7.49
CA LYS A 204 29.22 7.61 8.60
C LYS A 204 27.77 7.20 8.41
N LEU A 205 27.24 7.42 7.19
CA LEU A 205 25.85 7.04 6.87
C LEU A 205 25.64 5.53 7.01
N TRP A 206 26.53 4.75 6.41
CA TRP A 206 26.44 3.29 6.46
C TRP A 206 26.42 2.76 7.89
N ASN A 207 27.07 3.48 8.80
CA ASN A 207 27.19 3.05 10.20
C ASN A 207 26.08 3.60 11.09
N ASN A 208 25.22 4.42 10.50
CA ASN A 208 24.11 5.04 11.18
C ASN A 208 22.89 4.12 11.14
N ASP A 209 22.72 3.30 12.17
CA ASP A 209 21.61 2.35 12.29
C ASP A 209 20.25 3.04 12.25
N SER A 210 20.12 4.15 12.97
CA SER A 210 18.82 4.76 13.19
C SER A 210 18.26 5.43 11.94
N VAL A 211 19.15 6.00 11.11
CA VAL A 211 18.73 6.55 9.82
C VAL A 211 18.39 5.44 8.82
N LYS A 212 19.14 4.35 8.87
CA LYS A 212 18.91 3.22 7.98
C LYS A 212 17.59 2.49 8.28
N ILE A 213 17.25 2.41 9.56
CA ILE A 213 15.95 1.88 9.99
C ILE A 213 14.82 2.74 9.42
N GLU A 214 15.02 4.06 9.41
CA GLU A 214 14.06 5.01 8.84
C GLU A 214 13.98 4.87 7.30
N ALA A 215 15.12 4.78 6.64
CA ALA A 215 15.16 4.50 5.19
C ALA A 215 14.40 3.22 4.83
N ALA A 216 14.56 2.18 5.65
CA ALA A 216 13.87 0.90 5.49
C ALA A 216 12.35 1.01 5.59
N LYS A 217 11.87 1.80 6.54
CA LYS A 217 10.43 2.10 6.68
C LYS A 217 9.89 2.85 5.48
N LEU A 218 10.69 3.80 4.99
CA LEU A 218 10.32 4.58 3.80
C LEU A 218 10.26 3.67 2.56
N LYS A 219 11.25 2.79 2.43
CA LYS A 219 11.24 1.78 1.38
C LYS A 219 10.03 0.85 1.48
N LYS A 220 9.70 0.44 2.70
CA LYS A 220 8.57 -0.43 2.93
C LYS A 220 7.26 0.27 2.53
N SER A 221 7.17 1.57 2.77
CA SER A 221 6.00 2.30 2.27
C SER A 221 5.97 2.33 0.72
N PHE A 222 7.14 2.56 0.11
CA PHE A 222 7.27 2.48 -1.34
C PHE A 222 6.81 1.13 -1.93
N LEU A 223 7.22 0.05 -1.27
CA LEU A 223 6.88 -1.33 -1.68
C LEU A 223 5.42 -1.72 -1.52
N THR A 224 4.69 -1.01 -0.64
CA THR A 224 3.41 -1.50 -0.14
C THR A 224 2.26 -0.51 -0.17
N SER A 225 2.54 0.78 -0.08
CA SER A 225 1.44 1.76 0.00
C SER A 225 0.90 2.13 -1.35
N ALA A 226 -0.07 1.37 -1.85
CA ALA A 226 -0.64 1.56 -3.17
C ALA A 226 -1.75 2.61 -3.09
N GLU A 227 -1.35 3.85 -2.89
CA GLU A 227 -2.29 4.94 -2.57
C GLU A 227 -2.84 5.67 -3.78
N THR A 228 -2.00 5.92 -4.77
CA THR A 228 -2.43 6.65 -5.98
C THR A 228 -1.48 6.33 -7.11
N LEU A 229 -1.87 6.71 -8.32
CA LEU A 229 -0.97 6.54 -9.46
C LEU A 229 0.04 7.68 -9.42
N ILE A 230 1.30 7.31 -9.19
CA ILE A 230 2.37 8.31 -9.10
C ILE A 230 3.18 8.34 -10.39
N HIS A 231 3.93 9.43 -10.61
CA HIS A 231 4.81 9.60 -11.75
C HIS A 231 6.03 8.69 -11.57
N GLY A 232 6.56 8.67 -10.36
CA GLY A 232 7.63 7.75 -9.98
C GLY A 232 9.06 8.20 -10.24
N ASP A 233 9.23 9.31 -10.95
CA ASP A 233 10.58 9.83 -11.26
C ASP A 233 10.50 11.33 -11.59
N LEU A 234 9.84 12.08 -10.70
CA LEU A 234 9.55 13.48 -10.95
C LEU A 234 10.65 14.42 -10.44
N HIS A 235 11.77 14.40 -11.14
CA HIS A 235 12.87 15.30 -10.85
C HIS A 235 12.93 16.38 -11.93
N THR A 236 13.86 17.33 -11.76
CA THR A 236 13.95 18.49 -12.64
C THR A 236 14.38 18.12 -14.07
N GLY A 237 14.98 16.95 -14.23
CA GLY A 237 15.27 16.42 -15.55
C GLY A 237 14.05 15.84 -16.27
N SER A 238 12.93 15.70 -15.56
CA SER A 238 11.69 15.13 -16.10
C SER A 238 10.67 16.22 -16.35
N ILE A 239 11.13 17.45 -16.55
CA ILE A 239 10.25 18.60 -16.76
C ILE A 239 10.84 19.47 -17.85
N PHE A 240 9.98 19.90 -18.77
CA PHE A 240 10.31 20.90 -19.75
C PHE A 240 9.74 22.24 -19.27
N ALA A 241 10.55 23.29 -19.38
CA ALA A 241 10.17 24.61 -18.90
C ALA A 241 10.59 25.78 -19.81
N SER A 242 9.78 26.83 -19.77
CA SER A 242 10.18 28.16 -20.20
C SER A 242 9.69 29.08 -19.11
N GLU A 243 9.84 30.39 -19.30
CA GLU A 243 9.33 31.38 -18.36
C GLU A 243 7.83 31.21 -18.07
N HIS A 244 7.04 30.89 -19.10
CA HIS A 244 5.59 30.82 -18.97
C HIS A 244 4.98 29.42 -19.01
N GLU A 245 5.77 28.40 -19.33
CA GLU A 245 5.25 27.05 -19.54
C GLU A 245 5.98 26.00 -18.74
N THR A 246 5.25 24.98 -18.31
CA THR A 246 5.82 23.82 -17.63
C THR A 246 5.10 22.59 -18.16
N LYS A 247 5.87 21.55 -18.50
CA LYS A 247 5.34 20.27 -18.97
C LYS A 247 6.08 19.15 -18.26
N VAL A 248 5.33 18.20 -17.68
CA VAL A 248 5.93 17.04 -17.01
C VAL A 248 5.97 15.87 -17.99
N ILE A 249 7.15 15.27 -18.13
CA ILE A 249 7.39 14.23 -19.12
C ILE A 249 7.91 12.95 -18.50
N ASP A 250 8.03 11.91 -19.31
CA ASP A 250 8.65 10.62 -18.99
C ASP A 250 8.06 9.93 -17.76
N PRO A 251 6.72 9.76 -17.70
CA PRO A 251 6.14 9.05 -16.56
C PRO A 251 6.27 7.52 -16.67
N GLU A 252 7.42 7.02 -17.12
CA GLU A 252 7.57 5.58 -17.35
C GLU A 252 7.76 4.77 -16.08
N PHE A 253 8.08 5.44 -14.97
CA PHE A 253 8.21 4.80 -13.65
C PHE A 253 6.86 4.75 -12.92
N ALA A 254 5.79 5.16 -13.58
CA ALA A 254 4.46 5.26 -12.94
C ALA A 254 3.96 3.93 -12.40
N PHE A 255 3.38 3.97 -11.19
CA PHE A 255 2.70 2.82 -10.58
C PHE A 255 1.88 3.32 -9.40
N TYR A 256 1.12 2.42 -8.77
CA TYR A 256 0.41 2.78 -7.54
C TYR A 256 1.33 2.73 -6.32
N GLY A 257 1.69 3.93 -5.86
CA GLY A 257 2.66 4.11 -4.78
C GLY A 257 2.21 5.19 -3.82
N PRO A 258 3.06 5.54 -2.83
CA PRO A 258 2.69 6.57 -1.83
C PRO A 258 2.54 8.00 -2.39
N ILE A 259 1.51 8.69 -1.96
CA ILE A 259 1.23 10.07 -2.43
C ILE A 259 2.41 11.05 -2.23
N GLY A 260 3.11 10.93 -1.10
CA GLY A 260 4.25 11.84 -0.80
C GLY A 260 5.49 11.67 -1.67
N PHE A 261 5.57 10.57 -2.43
CA PHE A 261 6.79 10.27 -3.19
C PHE A 261 7.16 11.31 -4.27
N ASP A 262 6.25 11.60 -5.20
CA ASP A 262 6.55 12.56 -6.25
C ASP A 262 6.84 13.90 -5.63
N VAL A 263 6.08 14.26 -4.59
CA VAL A 263 6.26 15.52 -3.88
C VAL A 263 7.69 15.63 -3.29
N GLY A 264 8.12 14.60 -2.57
CA GLY A 264 9.47 14.54 -2.01
C GLY A 264 10.60 14.56 -3.03
N GLN A 265 10.47 13.80 -4.12
CA GLN A 265 11.53 13.80 -5.15
C GLN A 265 11.70 15.17 -5.80
N PHE A 266 10.59 15.83 -6.11
CA PHE A 266 10.66 17.11 -6.76
C PHE A 266 11.32 18.10 -5.84
N ILE A 267 10.84 18.14 -4.59
CA ILE A 267 11.37 19.06 -3.60
C ILE A 267 12.87 18.84 -3.40
N ALA A 268 13.29 17.59 -3.31
CA ALA A 268 14.70 17.28 -3.13
C ALA A 268 15.57 17.83 -4.28
N ASN A 269 15.05 17.78 -5.51
CA ASN A 269 15.78 18.26 -6.68
C ASN A 269 15.85 19.79 -6.77
N LEU A 270 14.85 20.47 -6.20
CA LEU A 270 14.95 21.92 -5.95
C LEU A 270 16.07 22.26 -4.94
N PHE A 271 16.15 21.49 -3.84
CA PHE A 271 17.22 21.65 -2.87
C PHE A 271 18.58 21.28 -3.45
N LEU A 272 18.65 20.24 -4.27
CA LEU A 272 19.89 19.90 -4.99
C LEU A 272 20.40 21.06 -5.88
N ASN A 273 19.49 21.76 -6.56
CA ASN A 273 19.88 22.96 -7.29
C ASN A 273 20.33 24.13 -6.39
N ALA A 274 19.65 24.33 -5.26
CA ALA A 274 20.05 25.35 -4.30
C ALA A 274 21.48 25.13 -3.83
N LEU A 275 21.83 23.87 -3.59
CA LEU A 275 23.18 23.48 -3.19
C LEU A 275 24.26 23.79 -4.25
N SER A 276 23.87 23.75 -5.53
CA SER A 276 24.81 24.07 -6.61
C SER A 276 25.00 25.58 -6.77
N ARG A 277 24.07 26.33 -6.19
CA ARG A 277 24.13 27.79 -6.24
C ARG A 277 24.81 28.36 -4.99
N ASP A 278 25.09 29.67 -5.01
CA ASP A 278 25.74 30.36 -3.91
C ASP A 278 24.87 31.51 -3.43
N GLY A 279 24.90 31.78 -2.12
CA GLY A 279 24.38 33.03 -1.58
C GLY A 279 22.93 33.33 -1.91
N ALA A 280 22.68 34.55 -2.38
CA ALA A 280 21.33 35.04 -2.67
C ALA A 280 20.70 34.36 -3.88
N ASP A 281 21.54 33.74 -4.71
CA ASP A 281 21.08 33.01 -5.89
C ASP A 281 20.20 31.82 -5.50
N ARG A 282 20.31 31.37 -4.26
CA ARG A 282 19.56 30.22 -3.79
C ARG A 282 18.09 30.55 -3.54
N GLU A 283 17.79 31.82 -3.30
CA GLU A 283 16.45 32.24 -2.85
C GLU A 283 15.30 31.77 -3.73
N PRO A 284 15.40 31.94 -5.07
CA PRO A 284 14.34 31.42 -5.94
C PRO A 284 14.03 29.94 -5.74
N LEU A 285 15.05 29.13 -5.44
CA LEU A 285 14.82 27.71 -5.22
C LEU A 285 14.10 27.44 -3.90
N TYR A 286 14.47 28.17 -2.85
CA TYR A 286 13.76 28.14 -1.58
C TYR A 286 12.31 28.62 -1.73
N GLU A 287 12.10 29.68 -2.49
CA GLU A 287 10.74 30.12 -2.81
C GLU A 287 9.95 29.03 -3.55
N HIS A 288 10.60 28.33 -4.48
CA HIS A 288 9.98 27.22 -5.20
C HIS A 288 9.58 26.03 -4.31
N VAL A 289 10.43 25.65 -3.35
CA VAL A 289 10.08 24.63 -2.35
C VAL A 289 8.83 25.06 -1.55
N ASN A 290 8.84 26.30 -1.05
CA ASN A 290 7.70 26.83 -0.32
C ASN A 290 6.42 26.78 -1.15
N GLN A 291 6.53 27.30 -2.37
CA GLN A 291 5.39 27.44 -3.26
C GLN A 291 4.85 26.11 -3.74
N VAL A 292 5.73 25.15 -4.03
CA VAL A 292 5.24 23.88 -4.54
C VAL A 292 4.46 23.12 -3.45
N TRP A 293 4.96 23.13 -2.21
CA TRP A 293 4.21 22.52 -1.13
C TRP A 293 2.85 23.19 -0.95
N GLU A 294 2.86 24.52 -0.87
CA GLU A 294 1.66 25.29 -0.66
C GLU A 294 0.61 25.09 -1.77
N THR A 295 1.05 25.09 -3.02
CA THR A 295 0.14 24.85 -4.15
C THR A 295 -0.33 23.40 -4.16
N PHE A 296 0.58 22.45 -3.92
CA PHE A 296 0.16 21.05 -3.74
C PHE A 296 -0.95 20.92 -2.71
N GLU A 297 -0.71 21.45 -1.50
CA GLU A 297 -1.66 21.32 -0.39
C GLU A 297 -3.01 21.96 -0.75
N GLU A 298 -2.97 23.17 -1.31
CA GLU A 298 -4.17 23.89 -1.77
C GLU A 298 -4.94 23.11 -2.83
N THR A 299 -4.22 22.57 -3.80
CA THR A 299 -4.81 21.87 -4.95
C THR A 299 -5.47 20.56 -4.53
N PHE A 300 -4.70 19.76 -3.78
CA PHE A 300 -5.16 18.54 -3.17
C PHE A 300 -6.38 18.78 -2.30
N SER A 301 -6.33 19.86 -1.51
CA SER A 301 -7.44 20.24 -0.62
C SER A 301 -8.72 20.63 -1.36
N GLU A 302 -8.59 21.39 -2.45
CA GLU A 302 -9.73 21.81 -3.26
C GLU A 302 -10.39 20.62 -3.96
N ALA A 303 -9.56 19.69 -4.43
CA ALA A 303 -10.01 18.50 -5.12
C ALA A 303 -10.75 17.59 -4.14
N TRP A 304 -10.14 17.40 -2.97
CA TRP A 304 -10.77 16.71 -1.83
C TRP A 304 -12.16 17.25 -1.48
N GLN A 305 -12.24 18.55 -1.24
CA GLN A 305 -13.53 19.15 -0.95
C GLN A 305 -14.56 18.80 -2.01
N LYS A 306 -14.22 19.02 -3.29
CA LYS A 306 -15.21 19.02 -4.38
C LYS A 306 -15.54 17.64 -4.93
N ASP A 307 -14.58 16.71 -4.85
CA ASP A 307 -14.65 15.45 -5.58
C ASP A 307 -14.31 14.19 -4.78
N SER A 308 -14.32 14.25 -3.44
CA SER A 308 -14.21 13.03 -2.64
C SER A 308 -15.50 12.19 -2.71
N LEU A 309 -15.34 10.88 -2.71
CA LEU A 309 -16.49 9.98 -2.72
C LEU A 309 -16.71 9.42 -1.31
N ASP A 310 -15.71 9.67 -0.46
CA ASP A 310 -15.56 9.16 0.89
C ASP A 310 -16.52 9.86 1.85
N VAL A 311 -17.37 9.10 2.54
CA VAL A 311 -18.24 9.67 3.58
C VAL A 311 -17.49 10.35 4.72
N TYR A 312 -16.24 9.95 4.95
CA TYR A 312 -15.38 10.52 5.99
C TYR A 312 -14.76 11.87 5.60
N ALA A 313 -14.85 12.25 4.33
CA ALA A 313 -14.01 13.31 3.77
C ALA A 313 -14.19 14.67 4.43
N ASN A 314 -15.40 14.96 4.90
CA ASN A 314 -15.65 16.30 5.44
C ASN A 314 -15.70 16.33 6.97
N ILE A 315 -15.21 15.28 7.62
CA ILE A 315 -15.08 15.31 9.07
C ILE A 315 -13.86 16.17 9.38
N ASP A 316 -14.09 17.19 10.21
CA ASP A 316 -13.07 18.18 10.56
C ASP A 316 -11.83 17.51 11.13
N GLY A 317 -10.70 17.71 10.46
CA GLY A 317 -9.44 17.14 10.92
C GLY A 317 -8.96 15.97 10.10
N TYR A 318 -9.84 15.35 9.32
CA TYR A 318 -9.42 14.25 8.47
C TYR A 318 -8.52 14.71 7.28
N LEU A 319 -8.92 15.73 6.53
CA LEU A 319 -8.01 16.26 5.48
C LEU A 319 -6.67 16.72 6.08
N THR A 320 -6.75 17.42 7.22
CA THR A 320 -5.56 17.91 7.91
C THR A 320 -4.57 16.82 8.29
N ASP A 321 -5.06 15.71 8.85
CA ASP A 321 -4.19 14.61 9.27
C ASP A 321 -3.64 13.86 8.07
N THR A 322 -4.44 13.76 7.02
CA THR A 322 -4.02 13.14 5.78
C THR A 322 -2.85 13.92 5.16
N LEU A 323 -2.96 15.24 5.13
CA LEU A 323 -1.88 16.10 4.63
C LEU A 323 -0.60 16.02 5.48
N SER A 324 -0.74 15.86 6.80
CA SER A 324 0.43 15.77 7.68
C SER A 324 1.19 14.51 7.42
N HIS A 325 0.46 13.44 7.11
CA HIS A 325 1.10 12.21 6.72
C HIS A 325 1.77 12.29 5.35
N ILE A 326 1.11 12.88 4.37
CA ILE A 326 1.72 13.10 3.05
C ILE A 326 3.01 13.89 3.22
N PHE A 327 2.95 14.94 4.03
CA PHE A 327 4.07 15.85 4.30
C PHE A 327 5.28 15.13 4.91
N GLU A 328 5.04 14.37 5.98
CA GLU A 328 6.09 13.57 6.64
C GLU A 328 6.79 12.61 5.68
N GLU A 329 6.00 11.88 4.89
CA GLU A 329 6.57 10.94 3.94
C GLU A 329 7.34 11.62 2.83
N ALA A 330 6.78 12.73 2.33
CA ALA A 330 7.40 13.56 1.32
C ALA A 330 8.79 14.01 1.76
N ILE A 331 8.91 14.49 2.99
CA ILE A 331 10.22 14.94 3.49
C ILE A 331 11.23 13.78 3.63
N GLY A 332 10.76 12.62 4.09
CA GLY A 332 11.59 11.42 4.15
C GLY A 332 12.07 10.95 2.78
N PHE A 333 11.15 10.88 1.81
CA PHE A 333 11.53 10.57 0.43
C PHE A 333 12.48 11.62 -0.19
N ALA A 334 12.29 12.89 0.14
CA ALA A 334 13.23 13.95 -0.27
C ALA A 334 14.64 13.69 0.21
N GLY A 335 14.77 13.24 1.46
CA GLY A 335 16.06 12.92 2.05
C GLY A 335 16.75 11.75 1.39
N CYS A 336 15.97 10.71 1.07
CA CYS A 336 16.45 9.59 0.28
C CYS A 336 17.01 10.07 -1.08
N GLU A 337 16.24 10.90 -1.78
CA GLU A 337 16.64 11.48 -3.05
C GLU A 337 17.91 12.35 -2.93
N LEU A 338 18.00 13.16 -1.88
CA LEU A 338 19.19 13.99 -1.66
C LEU A 338 20.45 13.11 -1.58
N ILE A 339 20.37 12.02 -0.80
CA ILE A 339 21.50 11.09 -0.58
C ILE A 339 21.84 10.27 -1.84
N ARG A 340 20.78 9.70 -2.42
CA ARG A 340 20.79 8.85 -3.59
C ARG A 340 21.48 9.50 -4.80
N ARG A 341 21.16 10.78 -5.05
CA ARG A 341 21.71 11.53 -6.18
C ARG A 341 23.19 11.91 -5.97
N THR A 342 23.63 11.88 -4.73
CA THR A 342 24.98 12.30 -4.36
C THR A 342 26.00 11.18 -4.46
N ILE A 343 25.62 9.99 -4.01
CA ILE A 343 26.58 8.89 -3.91
C ILE A 343 26.15 7.63 -4.64
N GLY A 344 24.99 7.67 -5.27
CA GLY A 344 24.41 6.49 -5.93
C GLY A 344 24.87 6.33 -7.36
N LEU A 345 24.26 5.38 -8.08
CA LEU A 345 24.53 5.16 -9.50
C LEU A 345 24.20 6.38 -10.36
N ALA A 346 23.02 6.94 -10.14
CA ALA A 346 22.49 8.05 -10.94
C ALA A 346 22.68 9.40 -10.24
N HIS A 347 23.65 10.17 -10.72
CA HIS A 347 23.97 11.48 -10.17
C HIS A 347 23.13 12.58 -10.82
N VAL A 348 23.20 13.79 -10.28
CA VAL A 348 22.57 14.96 -10.91
C VAL A 348 23.65 15.98 -11.32
N ALA A 349 23.43 16.64 -12.45
CA ALA A 349 24.33 17.65 -12.97
C ALA A 349 24.53 18.84 -12.03
N ASP A 350 23.51 19.13 -11.20
CA ASP A 350 23.61 20.23 -10.23
C ASP A 350 24.86 20.08 -9.37
N LEU A 351 25.13 18.87 -8.86
CA LEU A 351 26.28 18.63 -7.99
C LEU A 351 27.57 18.24 -8.71
N ASP A 352 27.46 17.45 -9.78
CA ASP A 352 28.65 17.00 -10.50
C ASP A 352 29.39 18.10 -11.27
N THR A 353 28.68 19.17 -11.62
CA THR A 353 29.27 20.26 -12.38
C THR A 353 29.71 21.43 -11.49
N ILE A 354 29.49 21.33 -10.18
CA ILE A 354 30.05 22.29 -9.21
C ILE A 354 31.59 22.36 -9.31
N VAL A 355 32.10 23.59 -9.39
CA VAL A 355 33.54 23.85 -9.43
C VAL A 355 33.93 24.89 -8.35
N PRO A 356 35.16 24.82 -7.83
CA PRO A 356 36.21 23.81 -8.04
C PRO A 356 35.88 22.48 -7.35
N PHE A 357 36.79 21.51 -7.48
CA PHE A 357 36.62 20.17 -6.93
C PHE A 357 36.35 20.13 -5.40
N ASP A 358 37.15 20.87 -4.63
CA ASP A 358 36.98 20.97 -3.17
C ASP A 358 35.61 21.50 -2.75
N LYS A 359 35.10 22.47 -3.50
CA LYS A 359 33.75 22.98 -3.28
C LYS A 359 32.71 21.91 -3.59
N ARG A 360 32.96 21.13 -4.65
CA ARG A 360 32.08 20.03 -5.04
C ARG A 360 31.94 19.00 -3.91
N ILE A 361 33.09 18.60 -3.34
CA ILE A 361 33.11 17.66 -2.22
C ILE A 361 32.34 18.20 -1.01
N GLY A 362 32.54 19.48 -0.70
CA GLY A 362 31.86 20.14 0.42
C GLY A 362 30.35 20.17 0.28
N ARG A 363 29.85 20.52 -0.91
CA ARG A 363 28.42 20.59 -1.19
C ARG A 363 27.79 19.20 -1.24
N LYS A 364 28.55 18.20 -1.67
CA LYS A 364 28.11 16.80 -1.67
C LYS A 364 28.00 16.23 -0.26
N ARG A 365 28.92 16.63 0.62
CA ARG A 365 28.83 16.33 2.05
C ARG A 365 27.54 16.89 2.65
N LEU A 366 27.23 18.15 2.33
CA LEU A 366 25.98 18.80 2.75
C LEU A 366 24.70 18.13 2.23
N ALA A 367 24.66 17.68 0.97
CA ALA A 367 23.53 16.90 0.46
C ALA A 367 23.30 15.61 1.27
N LEU A 368 24.39 14.94 1.64
CA LEU A 368 24.32 13.76 2.53
C LEU A 368 23.79 14.12 3.91
N GLU A 369 24.30 15.23 4.45
CA GLU A 369 23.91 15.69 5.77
C GLU A 369 22.46 16.20 5.83
N THR A 370 22.03 16.99 4.84
CA THR A 370 20.63 17.48 4.79
C THR A 370 19.67 16.31 4.52
N GLY A 371 20.06 15.39 3.64
CA GLY A 371 19.25 14.19 3.35
C GLY A 371 19.02 13.34 4.57
N THR A 372 20.09 13.13 5.35
CA THR A 372 20.02 12.38 6.61
C THR A 372 19.08 13.04 7.64
N ALA A 373 19.19 14.36 7.78
CA ALA A 373 18.36 15.13 8.69
C ALA A 373 16.88 15.07 8.28
N PHE A 374 16.59 15.25 7.00
CA PHE A 374 15.24 15.10 6.47
C PHE A 374 14.62 13.76 6.84
N ILE A 375 15.34 12.68 6.59
CA ILE A 375 14.88 11.32 6.91
C ILE A 375 14.58 11.17 8.40
N GLU A 376 15.53 11.58 9.24
CA GLU A 376 15.42 11.38 10.70
C GLU A 376 14.39 12.29 11.38
N LYS A 377 14.30 13.51 10.89
CA LYS A 377 13.45 14.53 11.51
C LYS A 377 12.11 14.73 10.82
N ARG A 378 11.80 13.90 9.82
CA ARG A 378 10.60 14.11 8.99
C ARG A 378 9.28 14.32 9.74
N SER A 379 9.13 13.66 10.90
CA SER A 379 7.90 13.73 11.69
C SER A 379 7.86 14.93 12.64
N GLU A 380 8.97 15.65 12.74
CA GLU A 380 9.09 16.77 13.68
C GLU A 380 8.71 18.10 13.03
N PHE A 381 8.89 18.20 11.71
CA PHE A 381 8.50 19.39 10.96
C PHE A 381 6.98 19.57 10.99
N LYS A 382 6.53 20.80 11.12
CA LYS A 382 5.11 21.14 11.06
C LYS A 382 4.73 21.77 9.73
N THR A 383 5.61 22.62 9.19
CA THR A 383 5.33 23.35 7.95
C THR A 383 6.49 23.24 6.98
N ILE A 384 6.23 23.60 5.71
CA ILE A 384 7.29 23.59 4.71
C ILE A 384 8.41 24.58 5.05
N THR A 385 8.08 25.68 5.69
CA THR A 385 9.11 26.66 6.07
C THR A 385 10.07 26.14 7.17
N ASP A 386 9.59 25.26 8.04
CA ASP A 386 10.45 24.54 9.00
C ASP A 386 11.55 23.78 8.28
N VAL A 387 11.16 23.11 7.21
CA VAL A 387 12.07 22.32 6.39
C VAL A 387 13.10 23.21 5.70
N ILE A 388 12.62 24.28 5.06
CA ILE A 388 13.50 25.25 4.40
C ILE A 388 14.48 25.91 5.40
N GLU A 389 13.99 26.27 6.58
CA GLU A 389 14.85 26.93 7.57
C GLU A 389 15.91 25.98 8.16
N LEU A 390 15.55 24.72 8.37
CA LEU A 390 16.53 23.73 8.77
C LEU A 390 17.61 23.54 7.68
N PHE A 391 17.19 23.38 6.44
CA PHE A 391 18.10 23.23 5.31
C PHE A 391 19.10 24.40 5.27
N LYS A 392 18.58 25.63 5.28
CA LYS A 392 19.40 26.84 5.28
C LYS A 392 20.46 26.85 6.37
N LEU A 393 20.07 26.50 7.58
CA LEU A 393 21.02 26.43 8.70
C LEU A 393 22.12 25.43 8.44
N LEU A 394 21.75 24.25 7.95
CA LEU A 394 22.70 23.18 7.71
C LEU A 394 23.70 23.51 6.59
N VAL A 395 23.29 24.35 5.65
CA VAL A 395 24.12 24.64 4.48
C VAL A 395 24.84 26.00 4.53
N LYS A 396 24.74 26.69 5.67
CA LYS A 396 25.46 27.95 5.84
C LYS A 396 26.91 27.65 5.58
N PRO B 7 -20.13 -21.90 -21.96
CA PRO B 7 -19.70 -21.66 -20.58
C PRO B 7 -19.68 -22.96 -19.78
N LEU B 8 -18.59 -23.16 -19.03
CA LEU B 8 -18.34 -24.40 -18.32
C LEU B 8 -19.13 -24.55 -17.01
N TYR B 9 -19.65 -23.43 -16.47
CA TYR B 9 -20.32 -23.45 -15.16
C TYR B 9 -21.69 -24.15 -15.14
N GLU B 10 -21.79 -25.16 -14.28
CA GLU B 10 -23.05 -25.81 -13.96
C GLU B 10 -23.12 -25.97 -12.43
N THR B 11 -24.25 -25.57 -11.86
CA THR B 11 -24.48 -25.71 -10.42
C THR B 11 -24.64 -27.20 -10.07
N LEU B 12 -23.91 -27.66 -9.06
CA LEU B 12 -23.90 -29.08 -8.68
C LEU B 12 -25.09 -29.47 -7.81
N ASN B 13 -25.36 -30.77 -7.78
CA ASN B 13 -26.31 -31.39 -6.86
C ASN B 13 -25.62 -32.60 -6.20
N GLU B 14 -26.30 -33.25 -5.26
CA GLU B 14 -25.74 -34.42 -4.58
C GLU B 14 -25.19 -35.48 -5.54
N SER B 15 -25.87 -35.66 -6.66
CA SER B 15 -25.50 -36.68 -7.64
C SER B 15 -24.33 -36.26 -8.53
N SER B 16 -24.37 -35.03 -9.03
CA SER B 16 -23.23 -34.53 -9.82
C SER B 16 -21.96 -34.36 -8.99
N ALA B 17 -22.10 -34.12 -7.69
CA ALA B 17 -20.96 -34.02 -6.77
C ALA B 17 -20.22 -35.35 -6.61
N VAL B 18 -20.98 -36.44 -6.45
CA VAL B 18 -20.41 -37.80 -6.34
C VAL B 18 -19.75 -38.22 -7.67
N ALA B 19 -20.41 -37.87 -8.77
CA ALA B 19 -19.88 -38.13 -10.11
C ALA B 19 -18.52 -37.44 -10.32
N LEU B 20 -18.39 -36.20 -9.87
CA LEU B 20 -17.13 -35.45 -9.96
C LEU B 20 -16.01 -36.04 -9.08
N ALA B 21 -16.36 -36.42 -7.84
CA ALA B 21 -15.40 -37.06 -6.93
C ALA B 21 -14.78 -38.31 -7.56
N VAL B 22 -15.61 -39.08 -8.27
CA VAL B 22 -15.17 -40.29 -8.97
C VAL B 22 -14.35 -39.97 -10.22
N LYS B 23 -14.77 -38.96 -10.99
CA LYS B 23 -14.06 -38.55 -12.20
C LYS B 23 -12.64 -38.00 -11.92
N LEU B 24 -12.37 -37.68 -10.65
CA LEU B 24 -11.06 -37.21 -10.24
C LEU B 24 -10.18 -38.30 -9.64
N GLY B 25 -10.78 -39.48 -9.46
CA GLY B 25 -10.06 -40.66 -8.97
C GLY B 25 -9.85 -40.70 -7.47
N LEU B 26 -10.63 -39.91 -6.72
CA LEU B 26 -10.41 -39.70 -5.29
C LEU B 26 -11.18 -40.65 -4.37
N THR B 34 -22.55 -42.10 -0.51
CA THR B 34 -23.45 -41.24 0.24
C THR B 34 -23.01 -39.77 0.20
N CYS B 35 -23.95 -38.88 -0.14
CA CYS B 35 -23.68 -37.44 -0.25
C CYS B 35 -24.82 -36.59 0.33
N GLN B 36 -24.47 -35.65 1.20
CA GLN B 36 -25.44 -34.69 1.74
C GLN B 36 -24.93 -33.26 1.64
N GLU B 37 -25.76 -32.37 1.12
CA GLU B 37 -25.48 -30.94 1.07
C GLU B 37 -25.66 -30.35 2.49
N ILE B 38 -24.59 -29.73 3.01
CA ILE B 38 -24.53 -29.32 4.42
C ILE B 38 -24.19 -27.83 4.62
N GLY B 39 -24.30 -27.04 3.55
CA GLY B 39 -23.89 -25.63 3.55
C GLY B 39 -24.48 -24.76 4.66
N LEU B 43 -24.65 -18.69 0.27
CA LEU B 43 -24.13 -18.51 -1.09
C LEU B 43 -23.21 -19.62 -1.57
N ASN B 44 -22.97 -20.61 -0.71
CA ASN B 44 -22.09 -21.72 -1.05
C ASN B 44 -22.76 -23.07 -0.83
N TYR B 45 -22.57 -23.98 -1.77
CA TYR B 45 -22.93 -25.39 -1.55
C TYR B 45 -21.72 -26.12 -0.97
N VAL B 46 -21.98 -26.97 0.01
CA VAL B 46 -20.95 -27.84 0.58
C VAL B 46 -21.47 -29.28 0.54
N PHE B 47 -20.83 -30.10 -0.29
CA PHE B 47 -21.21 -31.51 -0.41
C PHE B 47 -20.26 -32.39 0.36
N HIS B 48 -20.77 -33.01 1.43
CA HIS B 48 -20.05 -34.03 2.16
C HIS B 48 -20.27 -35.38 1.49
N ILE B 49 -19.17 -36.02 1.11
CA ILE B 49 -19.23 -37.34 0.49
C ILE B 49 -18.50 -38.33 1.38
N ARG B 56 -13.52 -43.19 4.93
CA ARG B 56 -13.02 -42.05 4.14
C ARG B 56 -14.11 -41.05 3.76
N ALA B 57 -13.73 -39.78 3.69
CA ALA B 57 -14.67 -38.69 3.41
C ALA B 57 -14.01 -37.52 2.67
N LEU B 58 -14.85 -36.60 2.19
CA LEU B 58 -14.42 -35.55 1.28
C LEU B 58 -15.44 -34.43 1.33
N ILE B 59 -14.97 -33.22 1.05
CA ILE B 59 -15.84 -32.06 0.94
C ILE B 59 -15.67 -31.48 -0.46
N ILE B 60 -16.78 -31.28 -1.15
CA ILE B 60 -16.78 -30.50 -2.40
C ILE B 60 -17.59 -29.21 -2.21
N LYS B 61 -16.87 -28.10 -2.19
CA LYS B 61 -17.44 -26.77 -2.02
C LYS B 61 -17.65 -26.13 -3.39
N GLN B 62 -18.80 -25.49 -3.57
CA GLN B 62 -19.08 -24.75 -4.81
C GLN B 62 -19.77 -23.42 -4.54
N ALA B 63 -19.27 -22.36 -5.19
CA ALA B 63 -19.85 -21.04 -5.10
C ALA B 63 -21.09 -20.99 -5.99
N VAL B 64 -22.14 -20.35 -5.49
CA VAL B 64 -23.36 -20.15 -6.27
C VAL B 64 -23.47 -18.68 -6.69
N PRO B 65 -23.89 -18.43 -7.93
CA PRO B 65 -24.11 -17.04 -8.34
C PRO B 65 -25.48 -16.51 -7.93
N PRO B 75 -25.14 -9.80 -3.77
CA PRO B 75 -24.78 -10.54 -4.98
C PRO B 75 -23.28 -10.56 -5.23
N LEU B 76 -22.77 -11.77 -5.46
CA LEU B 76 -21.34 -12.05 -5.38
C LEU B 76 -20.82 -12.93 -6.51
N THR B 77 -19.73 -12.49 -7.12
CA THR B 77 -18.98 -13.24 -8.11
C THR B 77 -18.59 -14.63 -7.61
N ILE B 78 -18.57 -15.61 -8.52
CA ILE B 78 -18.10 -16.96 -8.17
C ILE B 78 -16.56 -17.04 -8.15
N ASP B 79 -15.91 -15.94 -8.52
CA ASP B 79 -14.43 -15.85 -8.55
C ASP B 79 -13.80 -16.02 -7.16
N ARG B 80 -14.58 -15.72 -6.11
CA ARG B 80 -14.13 -15.98 -4.74
C ARG B 80 -13.65 -17.42 -4.51
N ALA B 81 -14.19 -18.37 -5.26
CA ALA B 81 -13.75 -19.77 -5.19
C ALA B 81 -12.32 -19.97 -5.69
N ARG B 82 -11.94 -19.23 -6.74
CA ARG B 82 -10.55 -19.20 -7.20
C ARG B 82 -9.62 -18.63 -6.12
N ILE B 83 -10.00 -17.48 -5.55
CA ILE B 83 -9.27 -16.87 -4.43
C ILE B 83 -9.10 -17.85 -3.25
N GLU B 84 -10.21 -18.42 -2.79
CA GLU B 84 -10.20 -19.33 -1.65
C GLU B 84 -9.27 -20.54 -1.85
N SER B 85 -9.37 -21.17 -3.00
CA SER B 85 -8.55 -22.35 -3.28
C SER B 85 -7.06 -21.98 -3.34
N SER B 86 -6.74 -20.93 -4.09
CA SER B 86 -5.36 -20.46 -4.20
C SER B 86 -4.80 -20.05 -2.84
N ALA B 87 -5.62 -19.37 -2.04
CA ALA B 87 -5.18 -18.94 -0.71
C ALA B 87 -4.93 -20.11 0.22
N LEU B 88 -5.84 -21.11 0.23
CA LEU B 88 -5.65 -22.35 0.99
C LEU B 88 -4.37 -23.10 0.58
N ILE B 89 -4.10 -23.16 -0.71
CA ILE B 89 -2.89 -23.79 -1.22
C ILE B 89 -1.62 -23.03 -0.76
N ARG B 90 -1.62 -21.71 -0.86
CA ARG B 90 -0.49 -20.88 -0.39
C ARG B 90 -0.26 -21.01 1.13
N GLN B 91 -1.35 -20.95 1.89
CA GLN B 91 -1.31 -21.20 3.34
C GLN B 91 -0.72 -22.58 3.67
N GLY B 92 -1.10 -23.59 2.91
CA GLY B 92 -0.62 -24.96 3.07
C GLY B 92 0.87 -25.20 2.83
N GLU B 93 1.56 -24.28 2.16
CA GLU B 93 3.01 -24.43 1.93
C GLU B 93 3.77 -24.15 3.22
N HIS B 94 3.17 -23.34 4.10
CA HIS B 94 3.85 -22.96 5.34
C HIS B 94 3.25 -23.59 6.58
N VAL B 95 1.91 -23.69 6.61
CA VAL B 95 1.20 -24.29 7.75
C VAL B 95 0.23 -25.41 7.30
N PRO B 96 0.76 -26.51 6.73
CA PRO B 96 -0.15 -27.54 6.19
C PRO B 96 -1.05 -28.17 7.26
N HIS B 97 -0.62 -28.13 8.52
CA HIS B 97 -1.36 -28.68 9.66
C HIS B 97 -2.46 -27.76 10.20
N LEU B 98 -2.58 -26.54 9.67
CA LEU B 98 -3.54 -25.58 10.20
C LEU B 98 -4.62 -25.15 9.21
N VAL B 99 -4.64 -25.78 8.03
CA VAL B 99 -5.63 -25.49 6.99
C VAL B 99 -6.04 -26.83 6.38
N PRO B 100 -7.27 -26.93 5.83
CA PRO B 100 -7.64 -28.16 5.11
C PRO B 100 -6.79 -28.33 3.85
N ARG B 101 -6.49 -29.60 3.54
CA ARG B 101 -5.80 -29.94 2.31
C ARG B 101 -6.75 -29.83 1.13
N VAL B 102 -6.23 -29.31 0.02
CA VAL B 102 -6.99 -29.14 -1.21
C VAL B 102 -6.58 -30.25 -2.19
N PHE B 103 -7.55 -31.00 -2.70
CA PHE B 103 -7.26 -32.09 -3.63
C PHE B 103 -7.42 -31.67 -5.08
N TYR B 104 -8.26 -30.66 -5.31
CA TYR B 104 -8.61 -30.21 -6.65
C TYR B 104 -9.40 -28.91 -6.59
N SER B 105 -9.18 -28.06 -7.59
CA SER B 105 -9.99 -26.87 -7.78
C SER B 105 -10.21 -26.56 -9.24
N ASP B 106 -11.34 -25.90 -9.52
CA ASP B 106 -11.72 -25.53 -10.86
C ASP B 106 -12.35 -24.16 -10.79
N THR B 107 -11.72 -23.19 -11.45
CA THR B 107 -12.17 -21.82 -11.46
C THR B 107 -13.51 -21.66 -12.17
N GLU B 108 -13.63 -22.26 -13.34
CA GLU B 108 -14.86 -22.19 -14.15
C GLU B 108 -16.09 -22.77 -13.44
N MET B 109 -15.92 -23.93 -12.80
CA MET B 109 -16.99 -24.56 -12.01
C MET B 109 -17.11 -23.97 -10.60
N ALA B 110 -16.18 -23.07 -10.26
CA ALA B 110 -16.11 -22.44 -8.93
C ALA B 110 -16.12 -23.49 -7.80
N VAL B 111 -15.33 -24.56 -8.02
CA VAL B 111 -15.32 -25.71 -7.13
C VAL B 111 -13.97 -25.86 -6.43
N THR B 112 -14.02 -26.22 -5.15
CA THR B 112 -12.82 -26.62 -4.41
C THR B 112 -13.11 -27.92 -3.68
N VAL B 113 -12.32 -28.94 -4.02
CA VAL B 113 -12.41 -30.25 -3.39
C VAL B 113 -11.35 -30.29 -2.30
N MET B 114 -11.80 -30.53 -1.07
CA MET B 114 -10.89 -30.46 0.07
C MET B 114 -11.18 -31.46 1.19
N GLU B 115 -10.26 -31.49 2.15
CA GLU B 115 -10.33 -32.32 3.35
C GLU B 115 -11.63 -32.12 4.14
N ASP B 116 -12.21 -33.22 4.61
CA ASP B 116 -13.35 -33.19 5.50
C ASP B 116 -12.89 -32.88 6.91
N LEU B 117 -13.52 -31.86 7.50
CA LEU B 117 -13.25 -31.49 8.89
C LEU B 117 -14.51 -31.54 9.77
N SER B 118 -15.47 -32.38 9.36
CA SER B 118 -16.75 -32.65 10.07
C SER B 118 -16.63 -33.04 11.53
N HIS B 119 -15.55 -33.75 11.85
CA HIS B 119 -15.30 -34.28 13.18
C HIS B 119 -14.91 -33.18 14.17
N LEU B 120 -14.69 -31.96 13.64
CA LEU B 120 -14.35 -30.78 14.43
C LEU B 120 -15.57 -29.87 14.58
N LYS B 121 -15.45 -28.86 15.44
CA LYS B 121 -16.52 -27.91 15.72
C LYS B 121 -16.06 -26.49 15.38
N ILE B 122 -16.94 -25.68 14.81
CA ILE B 122 -16.68 -24.25 14.62
C ILE B 122 -16.31 -23.64 15.99
N ALA B 123 -15.17 -22.95 16.04
CA ALA B 123 -14.65 -22.41 17.31
C ALA B 123 -15.65 -21.50 18.03
N ARG B 124 -16.32 -20.61 17.29
CA ARG B 124 -17.31 -19.72 17.87
C ARG B 124 -18.38 -20.52 18.63
N LYS B 125 -18.95 -21.53 17.96
CA LYS B 125 -19.95 -22.41 18.57
C LYS B 125 -19.41 -23.11 19.84
N GLY B 126 -18.23 -23.72 19.74
CA GLY B 126 -17.60 -24.34 20.90
C GLY B 126 -17.36 -23.40 22.06
N LEU B 127 -16.82 -22.22 21.76
CA LEU B 127 -16.53 -21.21 22.78
C LEU B 127 -17.76 -20.75 23.57
N ILE B 128 -18.86 -20.53 22.86
CA ILE B 128 -20.16 -20.17 23.45
C ILE B 128 -20.72 -21.29 24.32
N GLU B 129 -20.48 -22.54 23.93
CA GLU B 129 -20.87 -23.70 24.73
C GLU B 129 -19.96 -23.90 25.95
N GLY B 130 -18.83 -23.20 25.98
CA GLY B 130 -17.96 -23.23 27.13
C GLY B 130 -16.69 -24.05 26.97
N GLU B 131 -16.44 -24.55 25.75
CA GLU B 131 -15.14 -25.15 25.40
C GLU B 131 -14.08 -24.07 25.51
N ASN B 132 -12.91 -24.42 26.06
CA ASN B 132 -11.86 -23.42 26.22
C ASN B 132 -10.70 -23.56 25.24
N TYR B 133 -10.66 -24.69 24.52
CA TYR B 133 -9.65 -24.96 23.49
C TYR B 133 -8.25 -24.49 23.88
N PRO B 134 -7.57 -25.24 24.77
CA PRO B 134 -6.28 -24.78 25.33
C PRO B 134 -5.24 -24.34 24.29
N HIS B 135 -5.24 -24.95 23.10
CA HIS B 135 -4.20 -24.71 22.10
C HIS B 135 -4.61 -23.77 20.97
N LEU B 136 -5.83 -23.24 21.04
CA LEU B 136 -6.36 -22.38 19.97
C LEU B 136 -5.44 -21.20 19.63
N SER B 137 -4.95 -20.51 20.67
CA SER B 137 -4.12 -19.32 20.48
C SER B 137 -2.71 -19.64 19.97
N GLN B 138 -2.09 -20.71 20.49
CA GLN B 138 -0.81 -21.15 19.95
C GLN B 138 -0.94 -21.50 18.47
N HIS B 139 -1.97 -22.26 18.10
CA HIS B 139 -2.19 -22.61 16.70
C HIS B 139 -2.46 -21.39 15.82
N ILE B 140 -3.38 -20.53 16.24
CA ILE B 140 -3.67 -19.37 15.41
C ILE B 140 -2.52 -18.35 15.38
N GLY B 141 -1.79 -18.19 16.49
CA GLY B 141 -0.57 -17.37 16.49
C GLY B 141 0.43 -17.82 15.45
N GLU B 142 0.69 -19.14 15.39
CA GLU B 142 1.56 -19.76 14.37
C GLU B 142 1.01 -19.56 12.94
N PHE B 143 -0.29 -19.82 12.74
CA PHE B 143 -0.93 -19.50 11.46
C PHE B 143 -0.63 -18.06 11.08
N LEU B 144 -0.93 -17.13 11.99
CA LEU B 144 -0.78 -15.70 11.75
C LEU B 144 0.66 -15.30 11.40
N GLY B 145 1.62 -15.72 12.22
CA GLY B 145 3.02 -15.35 12.02
C GLY B 145 3.61 -15.85 10.72
N LYS B 146 3.29 -17.09 10.35
CA LYS B 146 3.82 -17.69 9.12
C LYS B 146 3.08 -17.21 7.88
N THR B 147 1.74 -17.22 7.89
CA THR B 147 1.02 -16.80 6.68
C THR B 147 1.35 -15.35 6.35
N LEU B 148 1.40 -14.52 7.39
CA LEU B 148 1.61 -13.09 7.21
C LEU B 148 3.08 -12.78 6.82
N PHE B 149 4.04 -13.41 7.45
CA PHE B 149 5.42 -13.19 7.01
C PHE B 149 5.68 -13.63 5.55
N TYR B 150 5.27 -14.84 5.20
CA TYR B 150 5.85 -15.52 4.04
C TYR B 150 5.28 -15.08 2.70
N SER B 151 4.28 -14.22 2.72
CA SER B 151 3.71 -13.64 1.51
C SER B 151 3.98 -12.13 1.44
N SER B 152 4.87 -11.64 2.32
CA SER B 152 5.22 -10.21 2.39
C SER B 152 6.48 -9.89 1.57
N ASP B 153 6.79 -8.60 1.41
CA ASP B 153 8.07 -8.17 0.82
C ASP B 153 9.28 -8.59 1.66
N TYR B 154 9.06 -8.86 2.94
CA TYR B 154 10.16 -9.28 3.80
C TYR B 154 10.69 -10.64 3.38
N ALA B 155 9.78 -11.47 2.89
CA ALA B 155 10.04 -12.88 2.57
C ALA B 155 10.23 -13.19 1.08
N LEU B 156 9.68 -12.31 0.23
CA LEU B 156 9.59 -12.53 -1.22
C LEU B 156 10.31 -11.44 -2.01
N GLU B 157 10.91 -11.83 -3.14
CA GLU B 157 11.42 -10.85 -4.10
C GLU B 157 10.25 -9.92 -4.47
N PRO B 158 10.52 -8.59 -4.56
CA PRO B 158 9.41 -7.64 -4.81
C PRO B 158 8.64 -7.90 -6.12
N LYS B 159 9.34 -8.35 -7.15
CA LYS B 159 8.72 -8.66 -8.43
C LYS B 159 7.80 -9.88 -8.35
N VAL B 160 8.15 -10.84 -7.49
CA VAL B 160 7.28 -12.00 -7.24
C VAL B 160 6.03 -11.57 -6.50
N LYS B 161 6.21 -10.80 -5.42
CA LYS B 161 5.10 -10.31 -4.62
C LYS B 161 4.12 -9.47 -5.46
N LYS B 162 4.67 -8.61 -6.32
CA LYS B 162 3.83 -7.76 -7.18
C LYS B 162 2.91 -8.58 -8.09
N GLN B 163 3.36 -9.75 -8.55
CA GLN B 163 2.50 -10.64 -9.34
C GLN B 163 1.40 -11.29 -8.51
N LEU B 164 1.74 -11.65 -7.27
CA LEU B 164 0.74 -12.17 -6.31
C LEU B 164 -0.33 -11.16 -5.92
N VAL B 165 0.06 -9.90 -5.79
CA VAL B 165 -0.90 -8.82 -5.54
C VAL B 165 -1.98 -8.84 -6.64
N LYS B 166 -1.56 -8.94 -7.90
CA LYS B 166 -2.48 -9.03 -9.03
C LYS B 166 -3.36 -10.26 -8.92
N GLN B 167 -2.74 -11.41 -8.69
CA GLN B 167 -3.43 -12.70 -8.57
C GLN B 167 -4.51 -12.70 -7.50
N PHE B 168 -4.22 -12.08 -6.36
CA PHE B 168 -5.15 -12.10 -5.22
C PHE B 168 -5.98 -10.83 -5.06
N THR B 169 -5.97 -9.97 -6.07
CA THR B 169 -6.88 -8.84 -6.10
C THR B 169 -8.32 -9.37 -6.03
N ASN B 170 -9.10 -8.81 -5.12
CA ASN B 170 -10.36 -9.38 -4.65
C ASN B 170 -11.36 -8.24 -4.39
N PRO B 171 -11.78 -7.53 -5.45
CA PRO B 171 -12.52 -6.26 -5.35
C PRO B 171 -13.90 -6.37 -4.69
N GLU B 172 -14.63 -7.43 -4.97
CA GLU B 172 -16.00 -7.57 -4.43
C GLU B 172 -16.05 -7.95 -2.96
N LEU B 173 -15.16 -8.85 -2.55
CA LEU B 173 -15.13 -9.27 -1.16
C LEU B 173 -14.51 -8.16 -0.31
N CYS B 174 -13.50 -7.48 -0.86
CA CYS B 174 -12.96 -6.26 -0.22
C CYS B 174 -14.01 -5.18 -0.02
N ASP B 175 -14.88 -5.02 -1.01
CA ASP B 175 -16.00 -4.07 -0.94
C ASP B 175 -16.91 -4.36 0.28
N ILE B 176 -17.19 -5.63 0.51
CA ILE B 176 -18.01 -6.00 1.65
C ILE B 176 -17.30 -5.54 2.93
N THR B 177 -16.01 -5.84 3.05
CA THR B 177 -15.30 -5.45 4.26
C THR B 177 -15.14 -3.95 4.42
N GLU B 178 -14.82 -3.26 3.31
CA GLU B 178 -14.65 -1.82 3.30
C GLU B 178 -15.90 -1.10 3.78
N ARG B 179 -17.06 -1.63 3.40
CA ARG B 179 -18.35 -1.11 3.83
C ARG B 179 -18.76 -1.52 5.25
N LEU B 180 -18.69 -2.82 5.54
CA LEU B 180 -19.24 -3.38 6.79
C LEU B 180 -18.34 -3.18 8.01
N VAL B 181 -17.03 -3.42 7.84
CA VAL B 181 -16.08 -3.25 8.95
C VAL B 181 -15.69 -1.79 9.20
N PHE B 182 -15.56 -1.01 8.12
CA PHE B 182 -14.85 0.28 8.18
C PHE B 182 -15.70 1.53 7.97
N THR B 183 -16.93 1.38 7.52
CA THR B 183 -17.76 2.54 7.12
C THR B 183 -19.15 2.59 7.77
N ASP B 184 -19.99 1.61 7.45
CA ASP B 184 -21.42 1.70 7.78
C ASP B 184 -21.75 1.81 9.27
N PRO B 185 -21.06 1.03 10.14
CA PRO B 185 -21.36 1.20 11.58
C PRO B 185 -21.19 2.62 12.13
N PHE B 186 -20.35 3.42 11.48
CA PHE B 186 -19.95 4.73 11.97
C PHE B 186 -20.82 5.89 11.50
N PHE B 187 -21.82 5.58 10.68
CA PHE B 187 -22.80 6.59 10.21
C PHE B 187 -24.18 5.95 10.30
N ASP B 188 -25.22 6.76 10.09
CA ASP B 188 -26.59 6.22 10.03
C ASP B 188 -26.86 5.55 8.66
N HIS B 189 -26.23 4.40 8.42
CA HIS B 189 -26.42 3.70 7.14
C HIS B 189 -27.42 2.53 7.20
N ASP B 190 -28.06 2.27 6.07
CA ASP B 190 -29.09 1.24 5.89
C ASP B 190 -28.73 -0.16 6.38
N THR B 191 -27.46 -0.51 6.29
CA THR B 191 -27.07 -1.89 6.57
C THR B 191 -26.96 -2.20 8.07
N ASN B 192 -26.94 -1.16 8.91
CA ASN B 192 -26.78 -1.35 10.35
C ASN B 192 -28.01 -2.03 10.93
N ASP B 193 -27.81 -2.79 11.98
CA ASP B 193 -28.89 -3.55 12.60
C ASP B 193 -28.64 -3.56 14.10
N PHE B 194 -29.40 -2.77 14.84
CA PHE B 194 -29.23 -2.70 16.29
C PHE B 194 -30.54 -2.41 17.02
N GLU B 195 -30.60 -2.76 18.29
CA GLU B 195 -31.78 -2.55 19.12
C GLU B 195 -31.94 -1.06 19.42
N GLU B 196 -33.19 -0.63 19.53
CA GLU B 196 -33.52 0.75 19.83
C GLU B 196 -32.92 1.23 21.18
N GLU B 197 -32.84 0.30 22.14
CA GLU B 197 -32.27 0.60 23.45
C GLU B 197 -30.78 0.94 23.38
N LEU B 198 -30.15 0.53 22.27
CA LEU B 198 -28.75 0.80 22.01
C LEU B 198 -28.55 2.17 21.33
N ARG B 199 -29.63 2.73 20.77
CA ARG B 199 -29.53 3.97 19.99
C ARG B 199 -28.72 5.12 20.65
N PRO B 200 -28.98 5.44 21.94
CA PRO B 200 -28.22 6.55 22.52
C PRO B 200 -26.70 6.40 22.41
N PHE B 201 -26.20 5.18 22.58
CA PHE B 201 -24.76 4.92 22.56
C PHE B 201 -24.23 4.80 21.14
N VAL B 202 -25.12 4.45 20.21
CA VAL B 202 -24.79 4.38 18.79
C VAL B 202 -24.60 5.81 18.24
N GLU B 203 -25.53 6.69 18.56
CA GLU B 203 -25.47 8.09 18.15
C GLU B 203 -24.30 8.84 18.77
N LYS B 204 -23.88 8.46 19.97
CA LYS B 204 -22.65 9.01 20.56
C LYS B 204 -21.47 8.74 19.64
N LEU B 205 -21.36 7.49 19.18
CA LEU B 205 -20.29 7.07 18.25
C LEU B 205 -20.34 7.84 16.94
N TRP B 206 -21.53 7.93 16.34
CA TRP B 206 -21.71 8.64 15.08
C TRP B 206 -21.28 10.11 15.19
N ASN B 207 -21.42 10.68 16.39
CA ASN B 207 -21.16 12.10 16.63
C ASN B 207 -19.74 12.36 17.11
N ASN B 208 -18.96 11.29 17.20
CA ASN B 208 -17.59 11.34 17.67
C ASN B 208 -16.65 11.52 16.49
N ASP B 209 -16.30 12.77 16.20
CA ASP B 209 -15.40 13.09 15.08
C ASP B 209 -14.05 12.40 15.16
N SER B 210 -13.47 12.42 16.36
CA SER B 210 -12.10 12.00 16.53
C SER B 210 -11.91 10.49 16.33
N VAL B 211 -12.88 9.69 16.77
CA VAL B 211 -12.82 8.24 16.55
C VAL B 211 -13.04 7.91 15.07
N LYS B 212 -13.95 8.65 14.42
CA LYS B 212 -14.28 8.42 13.03
C LYS B 212 -13.11 8.77 12.09
N ILE B 213 -12.38 9.82 12.44
CA ILE B 213 -11.15 10.19 11.73
C ILE B 213 -10.17 9.04 11.83
N GLU B 214 -10.13 8.38 12.98
CA GLU B 214 -9.24 7.23 13.21
C GLU B 214 -9.74 5.99 12.44
N ALA B 215 -11.06 5.75 12.45
CA ALA B 215 -11.66 4.68 11.63
C ALA B 215 -11.33 4.86 10.14
N ALA B 216 -11.38 6.11 9.68
CA ALA B 216 -11.04 6.49 8.31
C ALA B 216 -9.57 6.17 7.94
N LYS B 217 -8.63 6.48 8.84
CA LYS B 217 -7.22 6.18 8.62
C LYS B 217 -7.06 4.67 8.52
N LEU B 218 -7.76 3.94 9.38
CA LEU B 218 -7.66 2.47 9.39
C LEU B 218 -8.25 1.87 8.10
N LYS B 219 -9.35 2.45 7.62
CA LYS B 219 -9.93 2.04 6.33
C LYS B 219 -8.99 2.37 5.16
N LYS B 220 -8.37 3.55 5.21
CA LYS B 220 -7.37 3.93 4.22
C LYS B 220 -6.20 2.94 4.19
N SER B 221 -5.75 2.48 5.34
CA SER B 221 -4.72 1.43 5.36
C SER B 221 -5.22 0.12 4.74
N PHE B 222 -6.47 -0.27 5.09
CA PHE B 222 -7.10 -1.45 4.45
C PHE B 222 -7.15 -1.33 2.91
N LEU B 223 -7.53 -0.15 2.43
CA LEU B 223 -7.62 0.15 1.00
C LEU B 223 -6.30 0.18 0.24
N THR B 224 -5.20 0.48 0.94
CA THR B 224 -3.94 0.86 0.23
C THR B 224 -2.71 0.05 0.63
N SER B 225 -2.69 -0.46 1.85
CA SER B 225 -1.48 -1.09 2.38
C SER B 225 -1.36 -2.55 1.95
N ALA B 226 -0.78 -2.78 0.77
CA ALA B 226 -0.67 -4.12 0.19
C ALA B 226 0.58 -4.84 0.73
N GLU B 227 0.57 -5.13 2.02
CA GLU B 227 1.75 -5.64 2.72
C GLU B 227 1.96 -7.13 2.61
N THR B 228 0.87 -7.89 2.65
CA THR B 228 1.00 -9.33 2.62
C THR B 228 -0.31 -9.98 2.18
N LEU B 229 -0.28 -11.29 1.93
CA LEU B 229 -1.55 -11.97 1.62
C LEU B 229 -2.24 -12.31 2.93
N ILE B 230 -3.40 -11.70 3.15
CA ILE B 230 -4.14 -11.89 4.38
C ILE B 230 -5.33 -12.84 4.14
N HIS B 231 -5.87 -13.40 5.22
CA HIS B 231 -7.08 -14.25 5.18
C HIS B 231 -8.30 -13.37 4.89
N GLY B 232 -8.35 -12.21 5.53
CA GLY B 232 -9.40 -11.22 5.32
C GLY B 232 -10.70 -11.38 6.08
N ASP B 233 -10.88 -12.51 6.79
CA ASP B 233 -12.12 -12.76 7.58
C ASP B 233 -11.83 -13.77 8.70
N LEU B 234 -10.78 -13.50 9.47
CA LEU B 234 -10.31 -14.50 10.44
C LEU B 234 -11.00 -14.34 11.80
N HIS B 235 -12.29 -14.66 11.83
CA HIS B 235 -13.07 -14.67 13.06
C HIS B 235 -13.22 -16.11 13.55
N THR B 236 -13.81 -16.25 14.74
CA THR B 236 -13.98 -17.55 15.38
C THR B 236 -14.95 -18.48 14.61
N GLY B 237 -15.81 -17.89 13.77
CA GLY B 237 -16.60 -18.67 12.83
C GLY B 237 -15.86 -19.23 11.60
N SER B 238 -14.61 -18.81 11.38
CA SER B 238 -13.79 -19.30 10.26
C SER B 238 -12.70 -20.28 10.71
N ILE B 239 -12.95 -20.95 11.82
CA ILE B 239 -11.97 -21.81 12.46
C ILE B 239 -12.71 -23.06 12.91
N PHE B 240 -12.16 -24.23 12.59
CA PHE B 240 -12.63 -25.49 13.13
C PHE B 240 -11.68 -25.89 14.25
N ALA B 241 -12.25 -26.40 15.35
CA ALA B 241 -11.45 -26.71 16.52
C ALA B 241 -11.92 -27.94 17.28
N SER B 242 -10.97 -28.62 17.89
CA SER B 242 -11.23 -29.53 18.97
C SER B 242 -10.19 -29.18 20.03
N GLU B 243 -10.15 -29.98 21.10
CA GLU B 243 -9.16 -29.82 22.15
C GLU B 243 -7.73 -29.78 21.61
N HIS B 244 -7.45 -30.66 20.64
CA HIS B 244 -6.08 -30.85 20.13
C HIS B 244 -5.78 -30.28 18.76
N GLU B 245 -6.82 -29.93 18.01
CA GLU B 245 -6.66 -29.47 16.63
C GLU B 245 -7.27 -28.11 16.35
N THR B 246 -6.65 -27.39 15.42
CA THR B 246 -7.16 -26.12 14.93
C THR B 246 -6.93 -26.10 13.42
N LYS B 247 -7.94 -25.66 12.67
CA LYS B 247 -7.85 -25.51 11.22
C LYS B 247 -8.53 -24.22 10.81
N VAL B 248 -7.82 -23.35 10.08
CA VAL B 248 -8.39 -22.11 9.57
C VAL B 248 -9.02 -22.38 8.20
N ILE B 249 -10.28 -21.98 8.04
CA ILE B 249 -11.05 -22.25 6.83
C ILE B 249 -11.58 -20.96 6.19
N ASP B 250 -12.16 -21.10 5.00
CA ASP B 250 -12.87 -20.03 4.27
C ASP B 250 -12.05 -18.76 3.97
N PRO B 251 -10.83 -18.90 3.42
CA PRO B 251 -10.05 -17.70 3.11
C PRO B 251 -10.51 -16.98 1.82
N GLU B 252 -11.82 -16.91 1.61
CA GLU B 252 -12.36 -16.33 0.39
C GLU B 252 -12.23 -14.81 0.29
N PHE B 253 -11.99 -14.15 1.43
CA PHE B 253 -11.76 -12.69 1.50
C PHE B 253 -10.28 -12.29 1.29
N ALA B 254 -9.44 -13.28 1.02
CA ALA B 254 -7.99 -13.10 0.89
C ALA B 254 -7.61 -12.07 -0.17
N PHE B 255 -6.60 -11.28 0.17
CA PHE B 255 -6.05 -10.26 -0.75
C PHE B 255 -4.79 -9.66 -0.14
N TYR B 256 -4.10 -8.82 -0.88
CA TYR B 256 -2.93 -8.15 -0.32
C TYR B 256 -3.35 -6.92 0.47
N GLY B 257 -3.28 -7.04 1.80
CA GLY B 257 -3.71 -6.00 2.72
C GLY B 257 -2.75 -5.89 3.90
N PRO B 258 -3.12 -5.11 4.93
CA PRO B 258 -2.21 -4.84 6.06
C PRO B 258 -2.02 -6.03 6.98
N ILE B 259 -0.77 -6.23 7.41
CA ILE B 259 -0.40 -7.37 8.26
C ILE B 259 -1.22 -7.46 9.56
N GLY B 260 -1.54 -6.31 10.15
CA GLY B 260 -2.27 -6.27 11.42
C GLY B 260 -3.72 -6.73 11.38
N PHE B 261 -4.31 -6.74 10.18
CA PHE B 261 -5.76 -6.98 10.02
C PHE B 261 -6.27 -8.35 10.53
N ASP B 262 -5.71 -9.45 10.05
CA ASP B 262 -6.11 -10.77 10.53
C ASP B 262 -5.90 -10.86 12.05
N VAL B 263 -4.79 -10.28 12.53
CA VAL B 263 -4.48 -10.31 13.95
C VAL B 263 -5.56 -9.57 14.75
N GLY B 264 -5.94 -8.37 14.29
CA GLY B 264 -6.96 -7.58 14.97
C GLY B 264 -8.34 -8.25 14.99
N GLN B 265 -8.75 -8.81 13.85
CA GLN B 265 -10.08 -9.42 13.79
C GLN B 265 -10.18 -10.66 14.67
N PHE B 266 -9.12 -11.45 14.72
CA PHE B 266 -9.15 -12.62 15.57
C PHE B 266 -9.26 -12.21 17.03
N ILE B 267 -8.38 -11.30 17.44
CA ILE B 267 -8.36 -10.84 18.82
C ILE B 267 -9.71 -10.25 19.23
N ALA B 268 -10.30 -9.45 18.36
CA ALA B 268 -11.59 -8.83 18.64
C ALA B 268 -12.65 -9.90 18.93
N ASN B 269 -12.59 -11.03 18.21
CA ASN B 269 -13.59 -12.11 18.36
C ASN B 269 -13.43 -12.94 19.60
N LEU B 270 -12.20 -13.00 20.11
CA LEU B 270 -11.94 -13.53 21.45
C LEU B 270 -12.52 -12.61 22.54
N PHE B 271 -12.34 -11.29 22.37
CA PHE B 271 -12.92 -10.31 23.27
C PHE B 271 -14.45 -10.34 23.20
N LEU B 272 -15.00 -10.52 22.00
CA LEU B 272 -16.46 -10.68 21.85
C LEU B 272 -16.99 -11.90 22.63
N ASN B 273 -16.26 -13.00 22.61
CA ASN B 273 -16.65 -14.14 23.42
C ASN B 273 -16.51 -13.90 24.92
N ALA B 274 -15.45 -13.19 25.33
CA ALA B 274 -15.27 -12.76 26.72
C ALA B 274 -16.51 -12.01 27.23
N LEU B 275 -17.02 -11.10 26.41
CA LEU B 275 -18.21 -10.32 26.75
C LEU B 275 -19.48 -11.15 26.89
N SER B 276 -19.52 -12.29 26.22
CA SER B 276 -20.67 -13.19 26.32
C SER B 276 -20.62 -14.05 27.59
N ARG B 277 -19.42 -14.14 28.19
CA ARG B 277 -19.20 -14.84 29.43
C ARG B 277 -19.22 -13.88 30.63
N ASP B 278 -19.25 -14.45 31.83
CA ASP B 278 -19.26 -13.71 33.08
C ASP B 278 -18.09 -14.11 33.98
N GLY B 279 -17.56 -13.14 34.73
CA GLY B 279 -16.65 -13.42 35.84
C GLY B 279 -15.40 -14.18 35.43
N ALA B 280 -15.04 -15.19 36.21
CA ALA B 280 -13.84 -16.00 36.00
C ALA B 280 -13.88 -16.84 34.72
N ASP B 281 -15.07 -17.04 34.20
CA ASP B 281 -15.24 -17.82 32.97
C ASP B 281 -14.61 -17.09 31.77
N ARG B 282 -14.30 -15.80 31.95
CA ARG B 282 -13.67 -14.98 30.91
C ARG B 282 -12.18 -15.22 30.76
N GLU B 283 -11.55 -15.72 31.82
CA GLU B 283 -10.10 -15.82 31.89
C GLU B 283 -9.45 -16.57 30.72
N PRO B 284 -10.00 -17.75 30.34
CA PRO B 284 -9.44 -18.47 29.17
C PRO B 284 -9.36 -17.61 27.91
N LEU B 285 -10.32 -16.71 27.72
CA LEU B 285 -10.33 -15.85 26.53
C LEU B 285 -9.24 -14.76 26.60
N TYR B 286 -9.07 -14.18 27.79
CA TYR B 286 -7.98 -13.24 28.03
C TYR B 286 -6.62 -13.91 27.87
N GLU B 287 -6.49 -15.15 28.36
CA GLU B 287 -5.27 -15.91 28.15
C GLU B 287 -5.00 -16.13 26.67
N HIS B 288 -6.05 -16.42 25.90
CA HIS B 288 -5.97 -16.59 24.46
C HIS B 288 -5.50 -15.31 23.74
N VAL B 289 -6.04 -14.16 24.13
CA VAL B 289 -5.61 -12.87 23.58
C VAL B 289 -4.10 -12.67 23.80
N ASN B 290 -3.66 -12.84 25.04
CA ASN B 290 -2.25 -12.76 25.38
C ASN B 290 -1.41 -13.71 24.54
N GLN B 291 -1.80 -14.98 24.52
CA GLN B 291 -1.01 -16.04 23.88
C GLN B 291 -0.96 -15.91 22.35
N VAL B 292 -2.05 -15.45 21.74
CA VAL B 292 -2.07 -15.32 20.27
C VAL B 292 -1.12 -14.20 19.84
N TRP B 293 -1.11 -13.09 20.58
CA TRP B 293 -0.18 -12.01 20.24
C TRP B 293 1.27 -12.48 20.43
N GLU B 294 1.56 -13.06 21.59
CA GLU B 294 2.88 -13.59 21.93
C GLU B 294 3.40 -14.61 20.89
N THR B 295 2.56 -15.57 20.51
CA THR B 295 2.94 -16.58 19.54
C THR B 295 3.12 -15.96 18.16
N PHE B 296 2.23 -15.05 17.78
CA PHE B 296 2.38 -14.34 16.53
C PHE B 296 3.71 -13.60 16.47
N GLU B 297 3.99 -12.82 17.51
CA GLU B 297 5.18 -11.99 17.53
C GLU B 297 6.42 -12.87 17.48
N GLU B 298 6.42 -13.97 18.24
CA GLU B 298 7.57 -14.86 18.21
C GLU B 298 7.74 -15.66 16.90
N THR B 299 6.61 -16.08 16.31
CA THR B 299 6.63 -16.81 15.03
C THR B 299 7.11 -15.91 13.89
N PHE B 300 6.53 -14.72 13.80
CA PHE B 300 6.91 -13.71 12.84
C PHE B 300 8.37 -13.32 13.00
N SER B 301 8.85 -13.29 14.24
CA SER B 301 10.23 -12.92 14.52
C SER B 301 11.22 -14.00 14.12
N GLU B 302 10.86 -15.26 14.37
CA GLU B 302 11.70 -16.40 13.97
C GLU B 302 11.83 -16.47 12.45
N ALA B 303 10.71 -16.28 11.76
CA ALA B 303 10.64 -16.30 10.31
C ALA B 303 11.49 -15.18 9.70
N TRP B 304 11.34 -13.98 10.25
CA TRP B 304 12.14 -12.81 9.90
C TRP B 304 13.64 -13.06 10.03
N GLN B 305 14.07 -13.58 11.18
CA GLN B 305 15.49 -13.88 11.41
C GLN B 305 16.05 -14.89 10.40
N LYS B 306 15.26 -15.93 10.13
CA LYS B 306 15.65 -17.05 9.27
C LYS B 306 15.51 -16.78 7.76
N ASP B 307 14.45 -16.07 7.36
CA ASP B 307 14.04 -16.06 5.96
C ASP B 307 13.81 -14.69 5.32
N SER B 308 14.31 -13.63 5.93
CA SER B 308 14.15 -12.31 5.33
C SER B 308 15.19 -12.13 4.21
N LEU B 309 14.76 -11.49 3.11
CA LEU B 309 15.62 -11.24 1.96
C LEU B 309 16.19 -9.82 2.01
N ASP B 310 15.70 -9.06 2.97
CA ASP B 310 15.90 -7.64 3.13
C ASP B 310 17.24 -7.37 3.80
N VAL B 311 18.11 -6.60 3.14
CA VAL B 311 19.41 -6.19 3.72
C VAL B 311 19.27 -5.43 5.05
N TYR B 312 18.11 -4.81 5.25
CA TYR B 312 17.79 -4.05 6.46
C TYR B 312 17.31 -4.91 7.65
N ALA B 313 16.95 -6.17 7.38
CA ALA B 313 16.29 -7.01 8.37
C ALA B 313 17.07 -7.17 9.67
N ASN B 314 18.40 -7.16 9.55
CA ASN B 314 19.31 -7.39 10.66
C ASN B 314 19.75 -6.16 11.47
N ILE B 315 19.22 -4.99 11.14
CA ILE B 315 19.57 -3.79 11.89
C ILE B 315 18.73 -3.76 13.16
N ASP B 316 19.44 -3.77 14.28
CA ASP B 316 18.90 -3.64 15.64
C ASP B 316 17.78 -2.61 15.66
N GLY B 317 16.59 -3.03 16.09
CA GLY B 317 15.46 -2.11 16.19
C GLY B 317 14.48 -2.08 15.02
N TYR B 318 14.89 -2.59 13.86
CA TYR B 318 13.98 -2.58 12.72
C TYR B 318 12.82 -3.58 12.88
N LEU B 319 13.12 -4.84 13.20
CA LEU B 319 12.06 -5.80 13.52
C LEU B 319 11.14 -5.28 14.64
N THR B 320 11.73 -4.71 15.69
CA THR B 320 10.97 -4.20 16.84
C THR B 320 9.99 -3.11 16.43
N ASP B 321 10.44 -2.15 15.63
CA ASP B 321 9.54 -1.07 15.15
C ASP B 321 8.50 -1.59 14.18
N THR B 322 8.86 -2.60 13.40
CA THR B 322 7.91 -3.24 12.48
C THR B 322 6.77 -3.86 13.28
N LEU B 323 7.12 -4.62 14.32
CA LEU B 323 6.13 -5.23 15.23
C LEU B 323 5.26 -4.21 15.96
N SER B 324 5.83 -3.08 16.37
CA SER B 324 5.07 -2.03 17.05
C SER B 324 4.00 -1.46 16.15
N HIS B 325 4.32 -1.31 14.86
CA HIS B 325 3.32 -0.81 13.90
C HIS B 325 2.23 -1.86 13.61
N ILE B 326 2.63 -3.12 13.44
CA ILE B 326 1.66 -4.21 13.27
C ILE B 326 0.68 -4.26 14.46
N PHE B 327 1.25 -4.17 15.67
CA PHE B 327 0.52 -4.15 16.95
C PHE B 327 -0.50 -3.01 17.02
N GLU B 328 -0.06 -1.80 16.71
CA GLU B 328 -0.92 -0.62 16.72
C GLU B 328 -2.12 -0.75 15.77
N GLU B 329 -1.82 -1.18 14.53
CA GLU B 329 -2.86 -1.40 13.54
C GLU B 329 -3.83 -2.49 13.94
N ALA B 330 -3.29 -3.60 14.42
CA ALA B 330 -4.08 -4.74 14.87
C ALA B 330 -5.10 -4.33 15.92
N ILE B 331 -4.68 -3.50 16.87
CA ILE B 331 -5.55 -3.03 17.94
C ILE B 331 -6.65 -2.13 17.36
N GLY B 332 -6.28 -1.30 16.40
CA GLY B 332 -7.25 -0.43 15.71
C GLY B 332 -8.27 -1.25 14.94
N PHE B 333 -7.80 -2.25 14.20
CA PHE B 333 -8.68 -3.16 13.43
C PHE B 333 -9.57 -4.02 14.37
N ALA B 334 -9.02 -4.41 15.53
CA ALA B 334 -9.82 -5.10 16.55
C ALA B 334 -11.00 -4.25 17.03
N GLY B 335 -10.77 -2.95 17.23
CA GLY B 335 -11.82 -2.02 17.63
C GLY B 335 -12.91 -1.82 16.60
N CYS B 336 -12.54 -1.79 15.32
CA CYS B 336 -13.55 -1.73 14.27
C CYS B 336 -14.40 -3.02 14.28
N GLU B 337 -13.74 -4.17 14.46
CA GLU B 337 -14.43 -5.44 14.48
C GLU B 337 -15.36 -5.53 15.68
N LEU B 338 -14.92 -5.07 16.85
CA LEU B 338 -15.79 -5.03 18.03
C LEU B 338 -17.07 -4.26 17.76
N ILE B 339 -16.94 -3.07 17.17
CA ILE B 339 -18.09 -2.18 16.89
C ILE B 339 -19.01 -2.76 15.80
N ARG B 340 -18.39 -3.12 14.68
CA ARG B 340 -19.04 -3.64 13.49
C ARG B 340 -19.92 -4.88 13.77
N ARG B 341 -19.46 -5.74 14.66
CA ARG B 341 -20.18 -6.97 14.99
C ARG B 341 -21.38 -6.73 15.91
N THR B 342 -21.40 -5.56 16.53
CA THR B 342 -22.41 -5.21 17.52
C THR B 342 -23.60 -4.51 16.89
N ILE B 343 -23.32 -3.63 15.93
CA ILE B 343 -24.39 -2.82 15.38
C ILE B 343 -24.47 -2.85 13.86
N GLY B 344 -23.55 -3.56 13.22
CA GLY B 344 -23.52 -3.62 11.76
C GLY B 344 -24.48 -4.65 11.23
N LEU B 345 -24.38 -4.95 9.93
CA LEU B 345 -25.23 -5.93 9.27
C LEU B 345 -24.98 -7.35 9.79
N ALA B 346 -23.70 -7.70 9.96
CA ALA B 346 -23.30 -9.05 10.33
C ALA B 346 -22.95 -9.11 11.82
N HIS B 347 -23.83 -9.73 12.59
CA HIS B 347 -23.65 -9.84 14.03
C HIS B 347 -22.90 -11.13 14.36
N VAL B 348 -22.52 -11.29 15.63
CA VAL B 348 -21.96 -12.55 16.14
C VAL B 348 -22.89 -13.19 17.17
N ALA B 349 -22.91 -14.52 17.24
CA ALA B 349 -23.82 -15.22 18.14
C ALA B 349 -23.43 -15.00 19.59
N ASP B 350 -22.14 -14.71 19.83
CA ASP B 350 -21.65 -14.43 21.19
C ASP B 350 -22.52 -13.36 21.88
N LEU B 351 -22.77 -12.26 21.18
CA LEU B 351 -23.56 -11.14 21.70
C LEU B 351 -25.07 -11.32 21.55
N ASP B 352 -25.52 -11.83 20.41
CA ASP B 352 -26.96 -11.92 20.14
C ASP B 352 -27.69 -12.94 21.02
N THR B 353 -26.97 -13.94 21.50
CA THR B 353 -27.59 -14.99 22.32
C THR B 353 -27.42 -14.77 23.84
N ILE B 354 -26.77 -13.67 24.22
CA ILE B 354 -26.71 -13.26 25.64
C ILE B 354 -28.14 -13.03 26.18
N VAL B 355 -28.43 -13.58 27.34
CA VAL B 355 -29.70 -13.33 28.04
C VAL B 355 -29.46 -12.93 29.50
N PRO B 356 -30.40 -12.15 30.10
CA PRO B 356 -31.64 -11.61 29.51
C PRO B 356 -31.34 -10.45 28.56
N PHE B 357 -32.40 -9.91 27.95
CA PHE B 357 -32.28 -8.80 26.98
C PHE B 357 -31.51 -7.58 27.53
N ASP B 358 -31.80 -7.18 28.77
CA ASP B 358 -31.15 -6.02 29.36
C ASP B 358 -29.64 -6.24 29.57
N LYS B 359 -29.26 -7.48 29.88
CA LYS B 359 -27.84 -7.84 29.96
C LYS B 359 -27.19 -7.79 28.58
N ARG B 360 -27.94 -8.22 27.56
CA ARG B 360 -27.48 -8.14 26.18
C ARG B 360 -27.18 -6.70 25.76
N ILE B 361 -28.09 -5.78 26.03
CA ILE B 361 -27.90 -4.37 25.69
C ILE B 361 -26.66 -3.80 26.40
N GLY B 362 -26.50 -4.13 27.67
CA GLY B 362 -25.32 -3.70 28.45
C GLY B 362 -23.99 -4.18 27.89
N ARG B 363 -23.93 -5.45 27.50
CA ARG B 363 -22.72 -6.02 26.96
C ARG B 363 -22.42 -5.48 25.56
N LYS B 364 -23.48 -5.16 24.81
CA LYS B 364 -23.35 -4.56 23.49
C LYS B 364 -22.86 -3.11 23.56
N ARG B 365 -23.31 -2.39 24.58
CA ARG B 365 -22.76 -1.07 24.88
C ARG B 365 -21.26 -1.14 25.17
N LEU B 366 -20.85 -2.11 25.98
CA LEU B 366 -19.42 -2.34 26.27
C LEU B 366 -18.56 -2.71 25.07
N ALA B 367 -19.11 -3.51 24.14
CA ALA B 367 -18.42 -3.79 22.87
C ALA B 367 -18.20 -2.51 22.05
N LEU B 368 -19.20 -1.64 22.01
CA LEU B 368 -19.04 -0.33 21.37
C LEU B 368 -17.98 0.52 22.05
N GLU B 369 -17.98 0.51 23.38
CA GLU B 369 -17.10 1.39 24.14
C GLU B 369 -15.65 0.88 24.14
N THR B 370 -15.45 -0.43 24.28
CA THR B 370 -14.10 -1.00 24.21
C THR B 370 -13.55 -0.88 22.77
N GLY B 371 -14.38 -1.13 21.77
CA GLY B 371 -13.96 -0.98 20.38
C GLY B 371 -13.47 0.44 20.11
N THR B 372 -14.18 1.41 20.68
CA THR B 372 -13.88 2.82 20.51
C THR B 372 -12.56 3.20 21.16
N ALA B 373 -12.35 2.71 22.38
CA ALA B 373 -11.10 2.92 23.12
C ALA B 373 -9.94 2.31 22.37
N PHE B 374 -10.13 1.08 21.85
CA PHE B 374 -9.13 0.39 21.04
C PHE B 374 -8.71 1.24 19.85
N ILE B 375 -9.69 1.74 19.09
CA ILE B 375 -9.38 2.59 17.95
C ILE B 375 -8.58 3.85 18.34
N GLU B 376 -9.06 4.56 19.35
CA GLU B 376 -8.45 5.86 19.69
C GLU B 376 -7.15 5.75 20.47
N LYS B 377 -7.00 4.69 21.26
CA LYS B 377 -5.82 4.54 22.09
C LYS B 377 -4.78 3.60 21.51
N ARG B 378 -5.01 3.11 20.27
CA ARG B 378 -4.13 2.06 19.68
C ARG B 378 -2.63 2.34 19.76
N SER B 379 -2.25 3.62 19.65
CA SER B 379 -0.82 3.94 19.64
C SER B 379 -0.26 4.12 21.06
N GLU B 380 -1.12 4.12 22.07
CA GLU B 380 -0.70 4.28 23.46
C GLU B 380 -0.27 2.95 24.10
N PHE B 381 -0.88 1.84 23.67
CA PHE B 381 -0.59 0.52 24.24
C PHE B 381 0.85 0.11 23.94
N LYS B 382 1.51 -0.46 24.94
CA LYS B 382 2.90 -0.89 24.79
C LYS B 382 3.03 -2.41 24.62
N THR B 383 2.13 -3.15 25.27
CA THR B 383 2.15 -4.61 25.24
C THR B 383 0.71 -5.10 25.13
N ILE B 384 0.56 -6.39 24.78
CA ILE B 384 -0.76 -7.00 24.73
C ILE B 384 -1.46 -6.97 26.11
N THR B 385 -0.67 -7.06 27.18
CA THR B 385 -1.18 -6.98 28.55
C THR B 385 -1.91 -5.67 28.82
N ASP B 386 -1.39 -4.56 28.28
CA ASP B 386 -2.02 -3.24 28.42
C ASP B 386 -3.38 -3.24 27.76
N VAL B 387 -3.48 -3.89 26.60
CA VAL B 387 -4.77 -4.00 25.88
C VAL B 387 -5.78 -4.78 26.72
N ILE B 388 -5.37 -5.94 27.20
CA ILE B 388 -6.17 -6.80 28.05
C ILE B 388 -6.62 -6.08 29.35
N GLU B 389 -5.69 -5.39 30.00
CA GLU B 389 -5.98 -4.71 31.27
C GLU B 389 -6.95 -3.55 31.07
N LEU B 390 -6.80 -2.82 29.96
CA LEU B 390 -7.78 -1.77 29.66
C LEU B 390 -9.17 -2.36 29.42
N PHE B 391 -9.24 -3.42 28.62
CA PHE B 391 -10.50 -4.10 28.33
C PHE B 391 -11.17 -4.54 29.64
N LYS B 392 -10.42 -5.25 30.49
CA LYS B 392 -10.89 -5.71 31.80
C LYS B 392 -11.46 -4.60 32.68
N LEU B 393 -10.76 -3.46 32.73
CA LEU B 393 -11.18 -2.28 33.47
C LEU B 393 -12.54 -1.77 33.00
N LEU B 394 -12.65 -1.58 31.70
CA LEU B 394 -13.87 -1.06 31.10
C LEU B 394 -15.11 -1.94 31.29
N VAL B 395 -14.89 -3.25 31.34
CA VAL B 395 -15.99 -4.24 31.35
C VAL B 395 -16.32 -4.80 32.75
N LYS B 396 -15.68 -4.24 33.77
CA LYS B 396 -15.99 -4.58 35.17
C LYS B 396 -17.47 -4.35 35.50
C1 CPS C . 14.90 20.41 16.25
C2 CPS C . 14.21 20.68 14.92
C3 CPS C . 15.13 23.12 14.81
C4 CPS C . 15.10 24.72 14.55
C5 CPS C . 14.36 25.06 13.27
C6 CPS C . 13.03 24.28 13.29
C7 CPS C . 12.10 24.82 12.23
C8 CPS C . 12.43 26.41 12.33
C9 CPS C . 13.98 26.38 12.87
C10 CPS C . 15.23 24.52 12.06
C11 CPS C . 15.03 20.11 13.65
C12 CPS C . 14.10 20.70 17.52
C13 CPS C . 12.77 20.03 17.59
C14 CPS C . 11.94 20.37 16.31
C15 CPS C . 12.78 20.03 14.98
C16 CPS C . 11.92 20.36 13.85
C17 CPS C . 11.68 21.82 13.45
C18 CPS C . 13.02 22.75 13.36
C19 CPS C . 13.91 22.23 14.72
C20 CPS C . 14.85 27.73 12.80
C21 CPS C . 15.80 27.96 13.95
C22 CPS C . 14.03 29.07 12.63
C23 CPS C . 14.61 30.16 11.64
C24 CPS C . 13.75 31.33 11.37
N1 CPS C . 14.12 32.29 10.57
O1 CPS C . 12.65 31.46 11.90
O2 CPS C . 11.95 20.41 18.72
O3 CPS C . 10.81 22.56 14.33
O4 CPS C . 14.38 25.23 15.68
#